data_2W9M
#
_entry.id   2W9M
#
_cell.length_a   58.930
_cell.length_b   138.250
_cell.length_c   67.750
_cell.angle_alpha   90.00
_cell.angle_beta   92.25
_cell.angle_gamma   90.00
#
_symmetry.space_group_name_H-M   'P 1 21 1'
#
loop_
_entity.id
_entity.type
_entity.pdbx_description
1 polymer 'POLYMERASE X'
2 non-polymer 'ZINC ION'
3 non-polymer 'MERCURY (II) ION'
4 water water
#
_entity_poly.entity_id   1
_entity_poly.type   'polypeptide(L)'
_entity_poly.pdbx_seq_one_letter_code
;MTLPPDAPSRHRLVHALERTADLLDILGGEDFKSRAYRSAARSLEELNEETPELLAREFTGIPKVGKGIAAELSDFARSG
TFAPLEAAAGQLPPGLLDLLGVRGLGPKKIRSLWLAGIDSLERLREAAESGELAGLKGFGAKSAATILENVVFLFEARQR
QSLRAGLAVAEELAGALTDLSPAPAGDVRRGLETVRAAELTVTGTPDDVLARLPELTVQGDGVLSGDYEGVPVEIACAPA
EARGALDLLRSGEHFAGQVQAAAQARGFTLTAGGLSRGDEVLPTPTEAVVFHALDLPFRPAEYREPEHDDLWQTLPDPAE
LVTVGDLRGMIHTHSTWSDGGASIREMAEATLTLGHEFLGTADHSRAAYYANGLTIERLREQLKEIRELQRAGLPIVAGS
EVDILDDGSLDFPDDVLGELDYVVVSVHSNFTLDAARQTERLIRAVSHPLVTVLGHATGRLLLRRPGYALDLDAVLGACE
ANGTVVEINANAARLDLDWREALRWRERLKFAINTDAHVPGGLRDARYGVMQARKAGLTPAHVVNSLGRAEFLDFVARQR
AARGAPGPADRAHHHHHH
;
_entity_poly.pdbx_strand_id   A,B
#
loop_
_chem_comp.id
_chem_comp.type
_chem_comp.name
_chem_comp.formula
HG non-polymer 'MERCURY (II) ION' 'Hg 2'
ZN non-polymer 'ZINC ION' 'Zn 2'
#
# COMPACT_ATOMS: atom_id res chain seq x y z
N PRO A 8 -4.89 22.23 26.44
CA PRO A 8 -5.57 23.32 27.17
C PRO A 8 -4.83 23.71 28.44
N SER A 9 -4.60 22.75 29.32
CA SER A 9 -3.93 23.00 30.61
C SER A 9 -2.85 24.08 30.52
N ARG A 10 -2.95 25.07 31.40
CA ARG A 10 -1.97 26.16 31.45
C ARG A 10 -0.61 25.64 31.86
N HIS A 11 -0.60 24.57 32.66
CA HIS A 11 0.63 23.91 33.06
C HIS A 11 1.27 23.23 31.85
N ARG A 12 0.44 22.91 30.84
CA ARG A 12 0.93 22.29 29.62
C ARG A 12 1.59 23.32 28.69
N LEU A 13 1.05 24.54 28.69
CA LEU A 13 1.63 25.65 27.94
C LEU A 13 3.03 25.99 28.48
N VAL A 14 3.15 25.99 29.79
CA VAL A 14 4.44 26.27 30.41
C VAL A 14 5.48 25.26 29.97
N HIS A 15 5.05 24.01 29.77
CA HIS A 15 5.96 22.93 29.39
C HIS A 15 6.44 23.06 27.95
N ALA A 16 5.52 23.39 27.05
CA ALA A 16 5.87 23.63 25.66
C ALA A 16 6.83 24.81 25.53
N LEU A 17 6.54 25.89 26.27
CA LEU A 17 7.41 27.06 26.29
C LEU A 17 8.79 26.70 26.82
N GLU A 18 8.83 25.84 27.82
CA GLU A 18 10.08 25.39 28.43
C GLU A 18 10.82 24.39 27.54
N ARG A 19 10.10 23.70 26.67
CA ARG A 19 10.71 22.72 25.77
C ARG A 19 11.31 23.40 24.54
N THR A 20 10.79 24.59 24.21
CA THR A 20 11.28 25.36 23.06
C THR A 20 12.60 26.06 23.36
N ALA A 21 12.77 26.52 24.60
CA ALA A 21 14.01 27.15 25.01
C ALA A 21 15.12 26.11 25.08
N ASP A 22 14.77 24.91 25.55
CA ASP A 22 15.71 23.80 25.61
C ASP A 22 16.20 23.42 24.23
N LEU A 23 15.28 23.40 23.26
CA LEU A 23 15.61 23.10 21.87
C LEU A 23 16.52 24.16 21.24
N LEU A 24 16.24 25.43 21.52
CA LEU A 24 17.08 26.53 21.05
C LEU A 24 18.44 26.52 21.75
N ASP A 25 18.45 26.09 23.01
CA ASP A 25 19.68 25.91 23.77
C ASP A 25 20.61 24.90 23.10
N ILE A 26 20.04 23.82 22.59
CA ILE A 26 20.82 22.74 22.01
C ILE A 26 21.84 23.22 20.98
N LEU A 27 21.41 24.10 20.07
CA LEU A 27 22.29 24.59 19.01
C LEU A 27 22.89 25.96 19.34
N ASP A 31 18.88 32.75 22.60
CA ASP A 31 19.33 33.69 23.62
C ASP A 31 18.50 34.97 23.55
N PHE A 32 18.00 35.27 22.35
CA PHE A 32 17.06 36.38 22.18
C PHE A 32 15.64 35.87 22.03
N LYS A 33 15.50 34.55 21.92
CA LYS A 33 14.19 33.91 22.02
C LYS A 33 14.26 32.65 22.87
N SER A 34 15.46 32.14 23.09
CA SER A 34 15.64 31.06 24.06
C SER A 34 15.38 31.65 25.43
N ARG A 35 15.99 32.80 25.70
CA ARG A 35 15.72 33.54 26.92
C ARG A 35 14.27 34.04 26.92
N ALA A 36 13.81 34.49 25.76
CA ALA A 36 12.45 35.01 25.63
C ALA A 36 11.40 33.93 25.91
N TYR A 37 11.66 32.70 25.50
CA TYR A 37 10.74 31.60 25.74
C TYR A 37 10.86 31.08 27.18
N ARG A 38 12.08 31.10 27.71
CA ARG A 38 12.32 30.63 29.06
C ARG A 38 11.69 31.56 30.09
N SER A 39 11.79 32.87 29.83
CA SER A 39 11.22 33.87 30.72
C SER A 39 9.69 33.89 30.65
N ALA A 40 9.15 33.62 29.46
CA ALA A 40 7.71 33.54 29.30
C ALA A 40 7.14 32.34 30.06
N ALA A 41 7.98 31.32 30.23
CA ALA A 41 7.56 30.12 30.95
C ALA A 41 7.53 30.37 32.45
N ARG A 42 8.47 31.17 32.93
CA ARG A 42 8.55 31.48 34.36
C ARG A 42 7.43 32.45 34.79
N SER A 43 6.91 33.21 33.82
CA SER A 43 5.83 34.15 34.10
C SER A 43 4.48 33.45 34.13
N LEU A 44 4.24 32.56 33.15
CA LEU A 44 3.04 31.74 33.15
C LEU A 44 2.98 30.86 34.39
N GLU A 45 4.13 30.72 35.05
CA GLU A 45 4.21 29.97 36.29
C GLU A 45 3.27 30.55 37.33
N GLU A 46 3.67 31.67 37.95
CA GLU A 46 2.86 32.33 38.96
C GLU A 46 1.74 33.15 38.33
N LEU A 47 0.61 32.51 38.07
CA LEU A 47 -0.55 33.15 37.46
C LEU A 47 -1.81 32.37 37.76
N ASN A 48 -2.56 32.84 38.76
CA ASN A 48 -3.78 32.15 39.16
C ASN A 48 -4.80 32.11 38.03
N PHE A 59 -3.39 36.07 27.15
CA PHE A 59 -1.97 36.12 26.86
C PHE A 59 -1.57 37.52 26.45
N THR A 60 -2.56 38.28 25.99
CA THR A 60 -2.36 39.65 25.57
C THR A 60 -1.99 40.59 26.72
N GLY A 61 -2.29 40.17 27.96
CA GLY A 61 -2.01 40.98 29.12
C GLY A 61 -0.80 40.55 29.92
N ILE A 62 -0.54 39.25 29.93
CA ILE A 62 0.55 38.68 30.73
C ILE A 62 1.86 39.44 30.55
N PRO A 63 2.67 39.51 31.63
CA PRO A 63 4.02 40.05 31.57
C PRO A 63 4.99 39.16 30.78
N LYS A 64 5.95 39.79 30.12
CA LYS A 64 7.05 39.09 29.43
C LYS A 64 6.62 38.26 28.22
N VAL A 65 5.34 38.36 27.85
CA VAL A 65 4.84 37.64 26.69
C VAL A 65 4.55 38.59 25.53
N GLY A 66 5.61 39.00 24.83
CA GLY A 66 5.47 39.91 23.71
C GLY A 66 4.51 39.42 22.64
N LYS A 67 4.33 40.22 21.60
CA LYS A 67 3.44 39.87 20.50
C LYS A 67 3.63 38.42 20.04
N GLY A 68 4.87 37.95 20.12
CA GLY A 68 5.21 36.61 19.68
C GLY A 68 4.56 35.51 20.49
N ILE A 69 5.01 35.34 21.72
CA ILE A 69 4.55 34.27 22.60
C ILE A 69 3.03 34.23 22.76
N ALA A 70 2.42 35.41 22.87
CA ALA A 70 0.97 35.50 23.06
C ALA A 70 0.20 34.82 21.93
N ALA A 71 0.55 35.17 20.69
CA ALA A 71 -0.19 34.68 19.53
C ALA A 71 -0.16 33.17 19.42
N GLU A 72 1.02 32.58 19.58
CA GLU A 72 1.19 31.13 19.45
C GLU A 72 0.40 30.36 20.51
N LEU A 73 0.41 30.87 21.73
CA LEU A 73 -0.32 30.23 22.83
C LEU A 73 -1.80 30.13 22.52
N SER A 74 -2.41 31.24 22.11
CA SER A 74 -3.80 31.22 21.71
C SER A 74 -4.05 30.15 20.66
N ASP A 75 -3.12 30.03 19.71
CA ASP A 75 -3.21 29.00 18.68
C ASP A 75 -2.98 27.60 19.25
N PHE A 76 -2.18 27.52 20.31
CA PHE A 76 -1.94 26.26 20.98
C PHE A 76 -3.20 25.85 21.74
N ALA A 77 -3.83 26.83 22.38
CA ALA A 77 -5.11 26.60 23.02
C ALA A 77 -6.14 26.14 21.99
N ARG A 78 -6.21 26.87 20.88
CA ARG A 78 -7.10 26.54 19.78
C ARG A 78 -6.71 25.22 19.11
N SER A 79 -5.67 25.30 18.27
CA SER A 79 -5.20 24.17 17.48
C SER A 79 -5.02 22.89 18.30
N GLY A 80 -4.44 23.03 19.49
CA GLY A 80 -4.02 21.87 20.26
C GLY A 80 -2.68 21.41 19.74
N THR A 81 -1.88 22.38 19.30
CA THR A 81 -0.59 22.13 18.68
C THR A 81 0.28 23.39 18.74
N PHE A 82 1.38 23.31 19.49
CA PHE A 82 2.26 24.46 19.68
C PHE A 82 3.10 24.73 18.44
N ALA A 83 2.92 25.91 17.86
CA ALA A 83 3.55 26.25 16.58
C ALA A 83 5.07 26.08 16.59
N PRO A 84 5.77 26.79 17.49
CA PRO A 84 7.23 26.74 17.55
C PRO A 84 7.82 25.32 17.48
N LEU A 85 7.17 24.36 18.12
CA LEU A 85 7.67 22.97 18.10
C LEU A 85 7.50 22.32 16.73
N GLU A 86 6.44 22.69 16.01
CA GLU A 86 6.22 22.19 14.67
C GLU A 86 7.27 22.73 13.69
N ALA A 87 7.60 24.01 13.86
CA ALA A 87 8.65 24.63 13.06
C ALA A 87 9.95 23.87 13.25
N ALA A 88 10.29 23.58 14.51
CA ALA A 88 11.54 22.88 14.81
C ALA A 88 11.58 21.46 14.22
N ALA A 89 10.44 20.78 14.22
CA ALA A 89 10.39 19.43 13.65
C ALA A 89 10.80 19.45 12.19
N GLY A 90 10.51 20.55 11.50
CA GLY A 90 10.79 20.66 10.09
C GLY A 90 12.18 21.21 9.77
N GLN A 91 12.83 21.79 10.78
CA GLN A 91 14.13 22.42 10.57
C GLN A 91 15.29 21.58 11.07
N LEU A 92 15.07 20.89 12.18
CA LEU A 92 16.13 20.11 12.82
C LEU A 92 16.50 18.85 12.04
N PRO A 93 17.76 18.41 12.17
CA PRO A 93 18.25 17.20 11.51
C PRO A 93 17.54 15.97 12.05
N PRO A 94 17.32 14.95 11.20
CA PRO A 94 16.63 13.72 11.58
C PRO A 94 17.25 13.04 12.79
N GLY A 95 18.58 12.98 12.84
CA GLY A 95 19.27 12.32 13.94
C GLY A 95 19.13 13.05 15.27
N LEU A 96 18.97 14.37 15.21
CA LEU A 96 18.77 15.13 16.43
C LEU A 96 17.37 14.91 16.98
N LEU A 97 16.39 14.85 16.08
CA LEU A 97 15.01 14.55 16.46
C LEU A 97 14.93 13.19 17.15
N ASP A 98 15.81 12.28 16.75
CA ASP A 98 15.90 10.96 17.34
C ASP A 98 16.47 11.00 18.75
N LEU A 99 17.62 11.66 18.91
CA LEU A 99 18.26 11.80 20.20
C LEU A 99 17.33 12.45 21.23
N LEU A 100 16.48 13.35 20.76
CA LEU A 100 15.53 14.04 21.62
C LEU A 100 14.45 13.08 22.13
N GLY A 101 14.47 11.85 21.62
CA GLY A 101 13.51 10.84 22.05
C GLY A 101 14.14 9.77 22.94
N VAL A 102 15.44 9.89 23.18
CA VAL A 102 16.15 8.97 24.06
C VAL A 102 15.95 9.36 25.52
N ARG A 103 15.14 8.57 26.24
CA ARG A 103 14.86 8.83 27.64
C ARG A 103 16.15 8.98 28.44
N GLY A 104 16.29 10.11 29.12
CA GLY A 104 17.46 10.35 29.97
C GLY A 104 18.50 11.30 29.42
N LEU A 105 18.32 11.77 28.19
CA LEU A 105 19.24 12.74 27.60
C LEU A 105 18.75 14.19 27.74
N GLY A 106 19.42 14.95 28.57
CA GLY A 106 19.10 16.36 28.75
C GLY A 106 19.66 17.21 27.62
N PRO A 107 19.29 18.50 27.60
CA PRO A 107 19.75 19.43 26.57
C PRO A 107 21.27 19.52 26.51
N LYS A 108 21.91 19.61 27.67
CA LYS A 108 23.36 19.74 27.76
C LYS A 108 24.09 18.50 27.24
N LYS A 109 23.49 17.33 27.46
CA LYS A 109 24.09 16.08 27.01
C LYS A 109 23.91 15.90 25.51
N ILE A 110 22.71 16.18 25.01
CA ILE A 110 22.45 16.11 23.58
C ILE A 110 23.36 17.06 22.83
N ARG A 111 23.65 18.21 23.45
CA ARG A 111 24.54 19.18 22.84
C ARG A 111 25.99 18.72 22.83
N SER A 112 26.40 18.00 23.87
CA SER A 112 27.77 17.52 23.95
C SER A 112 27.97 16.28 23.07
N LEU A 113 26.91 15.50 22.89
CA LEU A 113 26.97 14.38 21.96
C LEU A 113 27.15 14.93 20.54
N TRP A 114 26.38 15.95 20.20
CA TRP A 114 26.47 16.57 18.88
C TRP A 114 27.88 17.11 18.63
N LEU A 115 28.43 17.84 19.59
CA LEU A 115 29.77 18.41 19.43
C LEU A 115 30.83 17.32 19.40
N ALA A 116 30.49 16.14 19.91
CA ALA A 116 31.41 15.01 19.91
C ALA A 116 31.30 14.16 18.65
N GLY A 117 30.38 14.54 17.75
CA GLY A 117 30.22 13.86 16.48
C GLY A 117 29.22 12.71 16.50
N ILE A 118 28.41 12.65 17.55
CA ILE A 118 27.38 11.61 17.65
C ILE A 118 26.03 12.20 17.25
N ASP A 119 25.56 11.82 16.07
CA ASP A 119 24.45 12.50 15.42
C ASP A 119 23.24 11.61 15.12
N SER A 120 23.29 10.35 15.53
CA SER A 120 22.16 9.45 15.29
C SER A 120 22.06 8.33 16.30
N LEU A 121 20.89 7.71 16.37
CA LEU A 121 20.67 6.57 17.24
C LEU A 121 21.71 5.48 17.03
N GLU A 122 21.94 5.16 15.76
CA GLU A 122 22.90 4.12 15.41
C GLU A 122 24.32 4.48 15.85
N ARG A 123 24.72 5.73 15.60
CA ARG A 123 26.04 6.21 15.98
C ARG A 123 26.19 6.32 17.50
N LEU A 124 25.09 6.59 18.19
CA LEU A 124 25.07 6.60 19.65
C LEU A 124 25.28 5.18 20.16
N ARG A 125 24.63 4.23 19.51
CA ARG A 125 24.72 2.83 19.91
C ARG A 125 26.15 2.30 19.76
N GLU A 126 26.83 2.74 18.70
CA GLU A 126 28.21 2.36 18.49
C GLU A 126 29.12 3.02 19.53
N ALA A 127 28.83 4.27 19.86
CA ALA A 127 29.63 4.99 20.85
C ALA A 127 29.55 4.31 22.21
N ALA A 128 28.37 3.78 22.54
CA ALA A 128 28.19 3.04 23.77
C ALA A 128 29.00 1.75 23.72
N GLU A 129 28.92 1.08 22.58
CA GLU A 129 29.62 -0.19 22.35
C GLU A 129 31.12 -0.06 22.58
N SER A 130 31.70 1.03 22.09
CA SER A 130 33.16 1.14 21.99
C SER A 130 33.82 1.82 23.18
N GLY A 131 33.03 2.32 24.12
CA GLY A 131 33.56 3.03 25.26
C GLY A 131 33.70 4.52 24.98
N GLU A 132 33.50 4.91 23.73
CA GLU A 132 33.61 6.31 23.34
C GLU A 132 32.63 7.19 24.11
N LEU A 133 31.42 6.68 24.31
CA LEU A 133 30.38 7.42 25.01
C LEU A 133 30.80 7.67 26.45
N ALA A 134 31.19 6.60 27.14
CA ALA A 134 31.61 6.71 28.54
C ALA A 134 32.76 7.70 28.70
N GLY A 135 33.59 7.80 27.68
CA GLY A 135 34.78 8.65 27.72
C GLY A 135 34.49 10.13 27.67
N LEU A 136 33.25 10.49 27.38
CA LEU A 136 32.85 11.90 27.35
C LEU A 136 32.64 12.47 28.76
N LYS A 137 32.88 13.77 28.89
CA LYS A 137 32.51 14.50 30.10
C LYS A 137 31.03 14.38 30.37
N GLY A 138 30.66 13.94 31.57
CA GLY A 138 29.26 13.84 31.95
C GLY A 138 28.70 12.44 31.77
N PHE A 139 29.41 11.62 31.00
CA PHE A 139 29.06 10.22 30.84
C PHE A 139 30.14 9.34 31.46
N GLY A 140 29.74 8.22 32.03
CA GLY A 140 30.68 7.23 32.53
C GLY A 140 30.20 5.87 32.06
N ALA A 141 30.88 4.81 32.50
CA ALA A 141 30.50 3.47 32.11
C ALA A 141 29.03 3.19 32.39
N LYS A 142 28.56 3.64 33.56
CA LYS A 142 27.19 3.35 33.98
C LYS A 142 26.12 4.06 33.16
N SER A 143 26.29 5.36 32.94
CA SER A 143 25.32 6.11 32.15
C SER A 143 25.37 5.69 30.68
N ALA A 144 26.53 5.25 30.22
CA ALA A 144 26.69 4.77 28.85
C ALA A 144 25.91 3.47 28.60
N ALA A 145 25.69 2.70 29.66
CA ALA A 145 24.94 1.46 29.54
C ALA A 145 23.44 1.71 29.67
N THR A 146 23.08 2.74 30.43
CA THR A 146 21.69 3.11 30.60
C THR A 146 21.19 3.67 29.28
N ILE A 147 22.00 4.51 28.66
CA ILE A 147 21.66 5.09 27.38
C ILE A 147 21.52 4.02 26.29
N LEU A 148 22.42 3.03 26.33
CA LEU A 148 22.35 1.93 25.37
C LEU A 148 21.05 1.15 25.56
N GLU A 149 20.66 0.97 26.81
CA GLU A 149 19.38 0.32 27.12
C GLU A 149 18.23 1.11 26.51
N ASN A 150 18.26 2.43 26.69
CA ASN A 150 17.19 3.29 26.20
C ASN A 150 17.12 3.36 24.68
N VAL A 151 18.27 3.22 24.02
CA VAL A 151 18.31 3.18 22.56
C VAL A 151 17.73 1.86 22.07
N VAL A 152 18.01 0.79 22.79
CA VAL A 152 17.42 -0.52 22.45
C VAL A 152 15.90 -0.47 22.45
N PHE A 153 15.33 0.36 23.33
CA PHE A 153 13.88 0.51 23.39
C PHE A 153 13.34 1.19 22.13
N LEU A 154 14.02 2.25 21.69
CA LEU A 154 13.60 2.95 20.48
C LEU A 154 13.58 1.99 19.30
N PHE A 155 14.62 1.17 19.19
CA PHE A 155 14.75 0.24 18.07
C PHE A 155 13.66 -0.83 18.05
N GLU A 156 13.32 -1.36 19.21
CA GLU A 156 12.33 -2.43 19.30
C GLU A 156 10.91 -1.92 19.02
N ALA A 157 10.70 -0.63 19.21
CA ALA A 157 9.43 0.00 18.91
C ALA A 157 9.14 -0.04 17.41
N ARG A 158 10.10 0.44 16.63
CA ARG A 158 10.01 0.44 15.17
C ARG A 158 9.62 -0.93 14.61
N GLN A 159 8.80 -0.93 13.56
CA GLN A 159 8.44 -2.17 12.89
C GLN A 159 9.53 -2.53 11.89
N ARG A 160 10.16 -1.50 11.33
CA ARG A 160 11.26 -1.67 10.41
C ARG A 160 12.43 -0.77 10.80
N GLN A 161 13.65 -1.22 10.52
CA GLN A 161 14.85 -0.49 10.90
C GLN A 161 15.38 0.35 9.74
N SER A 162 16.18 1.37 10.06
CA SER A 162 16.81 2.18 9.04
C SER A 162 17.91 1.36 8.38
N LEU A 163 18.23 1.69 7.13
CA LEU A 163 19.31 1.01 6.42
C LEU A 163 20.61 1.09 7.20
N ARG A 164 20.81 2.20 7.91
CA ARG A 164 22.03 2.41 8.67
C ARG A 164 22.19 1.40 9.81
N ALA A 165 21.17 1.26 10.65
CA ALA A 165 21.19 0.31 11.75
C ALA A 165 21.32 -1.13 11.28
N GLY A 166 20.52 -1.52 10.30
CA GLY A 166 20.56 -2.87 9.76
C GLY A 166 21.91 -3.23 9.17
N LEU A 167 22.49 -2.28 8.43
CA LEU A 167 23.77 -2.52 7.77
C LEU A 167 24.91 -2.56 8.78
N ALA A 168 24.88 -1.64 9.75
CA ALA A 168 25.89 -1.61 10.81
C ALA A 168 25.88 -2.92 11.61
N VAL A 169 24.71 -3.38 12.00
CA VAL A 169 24.59 -4.62 12.77
C VAL A 169 25.06 -5.83 11.97
N ALA A 170 24.65 -5.90 10.71
CA ALA A 170 25.09 -7.01 9.86
C ALA A 170 26.61 -7.00 9.68
N GLU A 171 27.17 -5.81 9.50
CA GLU A 171 28.63 -5.68 9.38
C GLU A 171 29.35 -6.11 10.66
N GLU A 172 28.79 -5.76 11.81
CA GLU A 172 29.37 -6.11 13.10
C GLU A 172 29.32 -7.62 13.37
N LEU A 173 28.19 -8.25 13.09
CA LEU A 173 28.04 -9.68 13.31
C LEU A 173 28.90 -10.50 12.36
N ALA A 174 29.09 -9.98 11.15
CA ALA A 174 29.98 -10.62 10.19
C ALA A 174 31.36 -10.77 10.82
N GLY A 175 31.77 -9.74 11.57
CA GLY A 175 33.04 -9.74 12.26
C GLY A 175 33.26 -10.97 13.12
N ALA A 176 32.18 -11.49 13.71
CA ALA A 176 32.26 -12.65 14.59
C ALA A 176 32.14 -13.97 13.83
N LEU A 177 31.83 -13.87 12.53
CA LEU A 177 31.59 -15.04 11.70
C LEU A 177 32.61 -15.15 10.57
N THR A 178 33.80 -14.61 10.80
CA THR A 178 34.78 -14.41 9.73
C THR A 178 35.11 -15.67 8.90
N ASP A 179 35.34 -16.79 9.57
CA ASP A 179 35.75 -18.01 8.86
C ASP A 179 34.59 -18.77 8.20
N LEU A 180 33.38 -18.23 8.31
CA LEU A 180 32.21 -18.80 7.66
C LEU A 180 31.87 -18.01 6.39
N SER A 181 32.78 -17.12 6.01
CA SER A 181 32.62 -16.31 4.80
C SER A 181 31.31 -15.51 4.77
N PRO A 182 31.12 -14.62 5.75
CA PRO A 182 29.87 -13.86 5.91
C PRO A 182 29.61 -12.97 4.71
N ALA A 183 28.33 -12.65 4.47
CA ALA A 183 27.95 -11.73 3.39
C ALA A 183 26.56 -11.18 3.66
N PRO A 184 26.41 -9.85 3.55
CA PRO A 184 25.09 -9.23 3.74
C PRO A 184 24.06 -9.87 2.83
N ALA A 185 22.83 -10.00 3.28
CA ALA A 185 21.79 -10.59 2.47
C ALA A 185 20.51 -9.76 2.55
N GLY A 186 19.49 -10.19 1.82
CA GLY A 186 18.19 -9.56 1.86
C GLY A 186 18.22 -8.05 1.73
N ASP A 187 17.53 -7.37 2.63
CA ASP A 187 17.27 -5.94 2.50
C ASP A 187 18.51 -5.07 2.60
N VAL A 188 19.42 -5.37 3.53
CA VAL A 188 20.64 -4.58 3.67
C VAL A 188 21.57 -4.74 2.47
N ARG A 189 21.61 -5.94 1.89
CA ARG A 189 22.48 -6.21 0.75
C ARG A 189 22.10 -5.42 -0.50
N ARG A 190 20.82 -5.13 -0.70
CA ARG A 190 20.40 -4.41 -1.89
C ARG A 190 19.96 -2.97 -1.62
N GLY A 191 20.13 -2.53 -0.37
CA GLY A 191 20.03 -1.12 -0.04
C GLY A 191 18.63 -0.58 0.19
N LEU A 192 17.71 -1.44 0.59
CA LEU A 192 16.36 -1.00 0.87
C LEU A 192 16.43 0.15 1.88
N GLU A 193 15.83 1.29 1.52
CA GLU A 193 15.84 2.48 2.39
C GLU A 193 15.39 2.13 3.82
N THR A 194 14.49 1.17 3.92
CA THR A 194 14.05 0.64 5.20
C THR A 194 14.24 -0.87 5.20
N VAL A 195 14.52 -1.45 6.37
CA VAL A 195 14.99 -2.83 6.45
C VAL A 195 14.29 -3.66 7.52
N ARG A 196 13.84 -4.86 7.16
CA ARG A 196 13.11 -5.72 8.10
C ARG A 196 14.02 -6.33 9.16
N ALA A 197 15.27 -6.56 8.80
CA ALA A 197 16.23 -7.14 9.74
C ALA A 197 17.66 -7.06 9.23
N ALA A 198 18.61 -7.23 10.14
CA ALA A 198 20.00 -7.41 9.74
C ALA A 198 20.17 -8.83 9.23
N GLU A 199 20.19 -8.98 7.91
CA GLU A 199 20.28 -10.29 7.30
C GLU A 199 21.70 -10.59 6.80
N LEU A 200 22.16 -11.80 7.10
CA LEU A 200 23.51 -12.21 6.77
C LEU A 200 23.44 -13.58 6.10
N THR A 201 24.40 -13.86 5.23
CA THR A 201 24.49 -15.18 4.64
C THR A 201 25.85 -15.79 5.00
N VAL A 202 25.92 -17.12 5.08
CA VAL A 202 27.06 -17.79 5.69
C VAL A 202 27.15 -19.24 5.22
N THR A 203 28.37 -19.77 5.05
CA THR A 203 28.54 -21.19 4.77
C THR A 203 28.97 -21.93 6.03
N GLY A 204 28.35 -23.09 6.26
CA GLY A 204 28.62 -23.84 7.48
C GLY A 204 27.30 -24.33 8.06
N THR A 205 27.34 -24.81 9.29
CA THR A 205 26.15 -25.36 9.92
C THR A 205 25.67 -24.47 11.07
N PRO A 206 24.38 -24.60 11.44
CA PRO A 206 23.81 -23.79 12.53
C PRO A 206 24.60 -23.89 13.84
N ASP A 207 25.42 -24.92 13.97
CA ASP A 207 26.27 -25.08 15.14
C ASP A 207 27.53 -24.22 15.01
N ASP A 208 28.04 -24.10 13.79
CA ASP A 208 29.17 -23.23 13.52
C ASP A 208 28.83 -21.80 13.91
N VAL A 209 27.63 -21.37 13.53
CA VAL A 209 27.14 -20.03 13.82
C VAL A 209 26.83 -19.89 15.30
N LEU A 210 26.26 -20.94 15.88
CA LEU A 210 25.84 -20.93 17.28
C LEU A 210 27.03 -20.89 18.22
N ALA A 211 28.20 -21.26 17.71
CA ALA A 211 29.43 -21.30 18.50
C ALA A 211 30.10 -19.92 18.61
N ARG A 212 29.81 -19.05 17.64
CA ARG A 212 30.39 -17.70 17.63
C ARG A 212 29.34 -16.69 18.07
N LEU A 213 28.07 -17.06 17.91
CA LEU A 213 26.96 -16.23 18.37
C LEU A 213 25.97 -17.12 19.13
N PRO A 214 26.24 -17.35 20.42
CA PRO A 214 25.44 -18.27 21.24
C PRO A 214 24.00 -17.76 21.46
N GLU A 215 23.83 -16.45 21.36
CA GLU A 215 22.55 -15.81 21.60
C GLU A 215 21.43 -16.37 20.71
N LEU A 216 21.74 -16.51 19.43
CA LEU A 216 20.73 -16.83 18.42
C LEU A 216 19.94 -18.10 18.69
N THR A 217 18.83 -18.24 17.96
CA THR A 217 17.94 -19.40 18.09
C THR A 217 17.71 -20.01 16.71
N VAL A 218 17.90 -21.33 16.62
CA VAL A 218 17.72 -21.98 15.32
C VAL A 218 16.25 -22.20 14.97
N GLN A 219 15.88 -21.80 13.75
CA GLN A 219 14.52 -21.97 13.27
C GLN A 219 14.46 -23.10 12.25
N VAL A 223 18.31 -21.80 8.91
CA VAL A 223 18.43 -20.41 9.35
C VAL A 223 18.36 -20.24 10.87
N LEU A 224 19.01 -19.18 11.35
CA LEU A 224 18.97 -18.81 12.76
C LEU A 224 18.51 -17.37 12.88
N SER A 225 17.84 -17.04 13.98
CA SER A 225 17.35 -15.68 14.18
C SER A 225 17.50 -15.23 15.64
N GLY A 226 17.31 -13.94 15.87
CA GLY A 226 17.50 -13.37 17.18
C GLY A 226 17.32 -11.87 17.18
N ASP A 227 17.93 -11.20 18.15
CA ASP A 227 17.76 -9.77 18.31
C ASP A 227 19.06 -9.21 18.89
N TYR A 228 19.77 -8.40 18.10
CA TYR A 228 20.98 -7.77 18.59
C TYR A 228 20.77 -6.29 18.91
N GLU A 229 20.66 -5.99 20.20
CA GLU A 229 20.45 -4.62 20.66
C GLU A 229 19.27 -3.94 19.97
N GLY A 230 18.13 -4.64 19.93
CA GLY A 230 16.90 -4.10 19.38
C GLY A 230 16.73 -4.34 17.90
N VAL A 231 17.83 -4.66 17.22
CA VAL A 231 17.80 -4.89 15.77
C VAL A 231 17.63 -6.38 15.47
N PRO A 232 16.49 -6.74 14.86
CA PRO A 232 16.21 -8.14 14.49
C PRO A 232 17.30 -8.69 13.57
N VAL A 233 17.70 -9.94 13.80
CA VAL A 233 18.78 -10.55 13.06
C VAL A 233 18.38 -11.89 12.47
N GLU A 234 18.80 -12.14 11.23
CA GLU A 234 18.59 -13.44 10.59
C GLU A 234 19.86 -13.89 9.90
N ILE A 235 20.29 -15.11 10.21
CA ILE A 235 21.48 -15.66 9.60
C ILE A 235 21.11 -17.00 8.96
N ALA A 236 21.33 -17.10 7.67
CA ALA A 236 21.04 -18.33 6.94
C ALA A 236 22.34 -18.95 6.49
N CYS A 237 22.49 -20.25 6.70
CA CYS A 237 23.72 -20.94 6.31
C CYS A 237 23.47 -22.08 5.34
N ALA A 238 24.55 -22.59 4.75
CA ALA A 238 24.48 -23.63 3.73
C ALA A 238 25.86 -24.26 3.54
N PRO A 239 25.89 -25.50 3.02
CA PRO A 239 27.15 -26.13 2.65
C PRO A 239 27.83 -25.33 1.54
N ALA A 240 29.15 -25.39 1.45
CA ALA A 240 29.88 -24.61 0.45
C ALA A 240 29.31 -24.79 -0.95
N GLU A 241 28.77 -25.98 -1.23
CA GLU A 241 28.28 -26.30 -2.57
C GLU A 241 26.90 -25.74 -2.86
N ALA A 242 26.22 -25.28 -1.81
CA ALA A 242 24.87 -24.74 -1.96
C ALA A 242 24.84 -23.23 -1.77
N ARG A 243 25.94 -22.68 -1.26
CA ARG A 243 26.01 -21.26 -0.94
C ARG A 243 25.44 -20.37 -2.05
N GLY A 244 25.83 -20.64 -3.29
CA GLY A 244 25.36 -19.85 -4.42
C GLY A 244 23.86 -19.75 -4.50
N ALA A 245 23.17 -20.86 -4.22
CA ALA A 245 21.71 -20.90 -4.28
C ALA A 245 21.09 -20.21 -3.09
N LEU A 246 21.68 -20.41 -1.92
CA LEU A 246 21.26 -19.73 -0.70
C LEU A 246 21.33 -18.21 -0.90
N ASP A 247 22.38 -17.75 -1.57
CA ASP A 247 22.57 -16.32 -1.79
C ASP A 247 21.50 -15.74 -2.70
N LEU A 248 21.09 -16.50 -3.70
CA LEU A 248 20.03 -16.05 -4.60
C LEU A 248 18.70 -15.98 -3.86
N LEU A 249 18.37 -17.05 -3.14
CA LEU A 249 17.09 -17.13 -2.43
C LEU A 249 16.94 -16.09 -1.33
N ARG A 250 18.05 -15.73 -0.69
CA ARG A 250 18.02 -14.75 0.40
C ARG A 250 18.33 -13.33 -0.11
N SER A 251 17.83 -12.99 -1.30
CA SER A 251 18.09 -11.68 -1.90
C SER A 251 17.15 -10.52 -1.50
N GLY A 252 15.84 -10.74 -1.45
CA GLY A 252 15.23 -12.03 -1.71
C GLY A 252 13.77 -11.98 -2.15
N GLU A 253 12.85 -12.05 -1.19
CA GLU A 253 11.44 -12.38 -1.45
C GLU A 253 10.94 -12.26 -2.89
N HIS A 254 10.80 -11.04 -3.40
CA HIS A 254 10.30 -10.88 -4.76
C HIS A 254 11.19 -11.59 -5.78
N PHE A 255 12.49 -11.36 -5.69
CA PHE A 255 13.43 -11.97 -6.62
C PHE A 255 13.49 -13.50 -6.45
N ALA A 256 13.50 -13.95 -5.21
CA ALA A 256 13.51 -15.38 -4.90
C ALA A 256 12.39 -16.10 -5.65
N GLY A 257 11.18 -15.59 -5.55
CA GLY A 257 10.05 -16.16 -6.26
C GLY A 257 10.29 -16.16 -7.75
N GLN A 258 10.86 -15.07 -8.25
CA GLN A 258 11.17 -14.95 -9.67
C GLN A 258 12.12 -16.04 -10.14
N VAL A 259 13.20 -16.25 -9.41
CA VAL A 259 14.27 -17.13 -9.85
C VAL A 259 13.88 -18.61 -9.67
N GLN A 260 13.02 -18.88 -8.70
CA GLN A 260 12.48 -20.23 -8.53
C GLN A 260 11.52 -20.57 -9.65
N ALA A 261 10.65 -19.62 -9.99
CA ALA A 261 9.75 -19.77 -11.13
C ALA A 261 10.54 -20.07 -12.39
N ALA A 262 11.64 -19.36 -12.56
CA ALA A 262 12.51 -19.53 -13.71
C ALA A 262 13.16 -20.91 -13.72
N ALA A 263 13.50 -21.40 -12.53
CA ALA A 263 14.14 -22.71 -12.40
C ALA A 263 13.17 -23.83 -12.72
N GLN A 264 12.00 -23.81 -12.10
CA GLN A 264 10.97 -24.82 -12.33
C GLN A 264 10.54 -24.89 -13.78
N ALA A 265 10.48 -23.72 -14.44
CA ALA A 265 10.08 -23.64 -15.83
C ALA A 265 11.08 -24.34 -16.73
N ARG A 266 12.20 -24.78 -16.15
CA ARG A 266 13.27 -25.38 -16.94
C ARG A 266 13.67 -26.76 -16.42
N GLY A 267 12.89 -27.30 -15.49
CA GLY A 267 13.07 -28.66 -15.02
C GLY A 267 13.92 -28.77 -13.77
N PHE A 268 14.38 -27.64 -13.25
CA PHE A 268 15.17 -27.63 -12.04
C PHE A 268 14.30 -27.35 -10.82
N THR A 269 14.81 -27.71 -9.64
CA THR A 269 14.21 -27.29 -8.39
C THR A 269 15.24 -26.51 -7.58
N LEU A 270 14.98 -25.22 -7.37
CA LEU A 270 15.91 -24.37 -6.64
C LEU A 270 15.51 -24.28 -5.17
N THR A 271 16.44 -24.62 -4.29
CA THR A 271 16.19 -24.63 -2.85
C THR A 271 17.45 -24.17 -2.12
N ALA A 272 17.28 -23.74 -0.87
CA ALA A 272 18.42 -23.35 -0.04
C ALA A 272 19.40 -24.52 0.08
N GLY A 273 18.90 -25.72 -0.16
CA GLY A 273 19.71 -26.91 -0.12
C GLY A 273 20.51 -27.11 -1.40
N GLY A 274 20.20 -26.33 -2.42
CA GLY A 274 20.95 -26.37 -3.66
C GLY A 274 20.10 -26.42 -4.91
N LEU A 275 20.76 -26.54 -6.05
CA LEU A 275 20.08 -26.65 -7.34
C LEU A 275 20.04 -28.12 -7.76
N SER A 276 18.86 -28.60 -8.13
CA SER A 276 18.72 -30.00 -8.52
C SER A 276 17.94 -30.18 -9.83
N ARG A 277 17.92 -31.41 -10.32
CA ARG A 277 17.22 -31.76 -11.56
C ARG A 277 16.88 -33.24 -11.56
N GLY A 278 15.78 -33.60 -10.91
CA GLY A 278 15.44 -35.01 -10.71
C GLY A 278 16.48 -35.67 -9.83
N ASP A 279 17.24 -36.60 -10.39
CA ASP A 279 18.36 -37.20 -9.69
C ASP A 279 19.48 -36.19 -9.51
N GLU A 280 19.71 -35.40 -10.56
CA GLU A 280 20.85 -34.50 -10.63
C GLU A 280 20.91 -33.49 -9.49
N VAL A 281 22.07 -33.41 -8.85
CA VAL A 281 22.37 -32.35 -7.90
C VAL A 281 23.57 -31.58 -8.41
N LEU A 282 23.33 -30.43 -9.03
CA LEU A 282 24.40 -29.60 -9.58
C LEU A 282 25.08 -28.77 -8.50
N PRO A 283 26.42 -28.81 -8.45
CA PRO A 283 27.18 -27.99 -7.50
C PRO A 283 26.92 -26.51 -7.74
N THR A 284 26.62 -25.78 -6.67
CA THR A 284 26.29 -24.37 -6.77
C THR A 284 27.07 -23.55 -5.75
N PRO A 285 28.36 -23.30 -6.03
CA PRO A 285 29.23 -22.58 -5.09
C PRO A 285 29.00 -21.07 -5.12
N THR A 286 28.59 -20.55 -6.28
CA THR A 286 28.43 -19.11 -6.46
C THR A 286 27.12 -18.80 -7.19
N GLU A 287 26.59 -17.61 -6.94
CA GLU A 287 25.41 -17.14 -7.67
C GLU A 287 25.61 -17.33 -9.17
N ALA A 288 26.75 -16.87 -9.68
CA ALA A 288 27.03 -16.91 -11.11
C ALA A 288 26.80 -18.30 -11.70
N VAL A 289 27.14 -19.34 -10.93
CA VAL A 289 27.00 -20.72 -11.39
C VAL A 289 25.54 -21.09 -11.61
N VAL A 290 24.66 -20.64 -10.72
CA VAL A 290 23.23 -20.91 -10.84
C VAL A 290 22.66 -20.29 -12.11
N PHE A 291 23.04 -19.05 -12.38
CA PHE A 291 22.60 -18.38 -13.59
C PHE A 291 23.06 -19.13 -14.84
N HIS A 292 24.32 -19.55 -14.85
CA HIS A 292 24.85 -20.32 -15.97
C HIS A 292 24.05 -21.61 -16.19
N ALA A 293 23.70 -22.27 -15.09
CA ALA A 293 22.98 -23.54 -15.15
C ALA A 293 21.58 -23.40 -15.71
N LEU A 294 20.98 -22.22 -15.52
CA LEU A 294 19.63 -21.97 -15.99
C LEU A 294 19.67 -21.23 -17.32
N ASP A 295 20.87 -21.08 -17.88
CA ASP A 295 21.08 -20.30 -19.09
C ASP A 295 20.43 -18.91 -18.99
N LEU A 296 20.71 -18.23 -17.89
CA LEU A 296 20.17 -16.90 -17.64
C LEU A 296 21.30 -15.88 -17.55
N PRO A 297 21.04 -14.64 -17.97
CA PRO A 297 21.98 -13.53 -17.80
C PRO A 297 22.10 -13.15 -16.33
N PHE A 298 23.32 -12.91 -15.86
CA PHE A 298 23.51 -12.54 -14.46
C PHE A 298 22.80 -11.23 -14.15
N ARG A 299 22.02 -11.25 -13.07
CA ARG A 299 21.26 -10.06 -12.66
C ARG A 299 21.80 -9.52 -11.35
N PRO A 300 22.50 -8.38 -11.42
CA PRO A 300 23.18 -7.77 -10.26
C PRO A 300 22.21 -7.48 -9.12
N ALA A 301 22.67 -7.68 -7.88
CA ALA A 301 21.82 -7.47 -6.71
C ALA A 301 21.18 -6.08 -6.68
N GLU A 302 21.84 -5.12 -7.30
CA GLU A 302 21.31 -3.75 -7.37
C GLU A 302 20.00 -3.69 -8.14
N TYR A 303 19.81 -4.64 -9.05
CA TYR A 303 18.65 -4.61 -9.96
C TYR A 303 17.58 -5.67 -9.66
N ARG A 304 17.54 -6.15 -8.42
CA ARG A 304 16.62 -7.24 -8.07
C ARG A 304 15.36 -6.77 -7.35
N GLU A 305 14.93 -5.54 -7.62
CA GLU A 305 13.67 -5.04 -7.10
C GLU A 305 12.58 -5.24 -8.14
N PRO A 306 11.31 -5.23 -7.71
CA PRO A 306 10.21 -5.36 -8.67
C PRO A 306 10.28 -4.32 -9.79
N GLU A 307 10.57 -3.07 -9.45
CA GLU A 307 10.58 -1.98 -10.43
C GLU A 307 11.60 -2.21 -11.54
N HIS A 308 12.51 -3.17 -11.34
CA HIS A 308 13.56 -3.48 -12.29
C HIS A 308 13.18 -4.60 -13.27
N ASP A 309 12.13 -5.34 -12.97
CA ASP A 309 11.78 -6.55 -13.72
C ASP A 309 11.85 -6.41 -15.24
N ASP A 310 11.37 -5.29 -15.76
CA ASP A 310 11.31 -5.10 -17.22
C ASP A 310 12.37 -4.13 -17.74
N LEU A 311 13.12 -3.51 -16.83
CA LEU A 311 14.08 -2.47 -17.19
C LEU A 311 15.54 -2.90 -17.11
N TRP A 312 15.86 -3.81 -16.20
CA TRP A 312 17.24 -3.99 -15.73
C TRP A 312 18.33 -4.29 -16.76
N GLN A 313 17.96 -4.79 -17.95
CA GLN A 313 18.95 -5.09 -18.99
C GLN A 313 19.27 -3.85 -19.83
N THR A 314 18.54 -2.78 -19.57
CA THR A 314 18.78 -1.48 -20.19
C THR A 314 19.82 -0.69 -19.39
N LEU A 315 20.00 -1.05 -18.13
CA LEU A 315 20.85 -0.31 -17.22
C LEU A 315 22.31 -0.73 -17.30
N PRO A 316 23.22 0.18 -16.88
CA PRO A 316 24.67 -0.03 -16.96
C PRO A 316 25.16 -1.23 -16.19
N ASP A 317 26.30 -1.77 -16.61
CA ASP A 317 27.00 -2.81 -15.87
C ASP A 317 27.42 -2.23 -14.53
N PRO A 318 27.33 -3.03 -13.47
CA PRO A 318 27.70 -2.56 -12.12
C PRO A 318 29.03 -1.82 -12.10
N ALA A 319 30.00 -2.28 -12.88
CA ALA A 319 31.33 -1.70 -12.90
C ALA A 319 31.36 -0.29 -13.50
N GLU A 320 30.25 0.14 -14.09
CA GLU A 320 30.14 1.47 -14.67
C GLU A 320 29.43 2.45 -13.73
N LEU A 321 28.75 1.91 -12.72
CA LEU A 321 27.94 2.73 -11.82
C LEU A 321 28.76 3.54 -10.83
N VAL A 322 28.17 4.62 -10.32
CA VAL A 322 28.86 5.49 -9.39
C VAL A 322 29.26 4.75 -8.11
N THR A 323 30.38 5.16 -7.52
CA THR A 323 30.82 4.62 -6.22
C THR A 323 31.20 5.76 -5.30
N VAL A 324 31.36 5.46 -4.02
CA VAL A 324 31.74 6.48 -3.04
C VAL A 324 33.05 7.16 -3.45
N GLY A 325 33.92 6.40 -4.13
CA GLY A 325 35.19 6.93 -4.58
C GLY A 325 35.09 7.91 -5.73
N ASP A 326 33.96 7.90 -6.42
CA ASP A 326 33.73 8.81 -7.55
C ASP A 326 33.24 10.17 -7.08
N LEU A 327 33.03 10.31 -5.78
CA LEU A 327 32.52 11.56 -5.23
C LEU A 327 33.67 12.48 -4.82
N ARG A 328 34.19 13.22 -5.78
CA ARG A 328 35.27 14.16 -5.51
C ARG A 328 34.80 15.32 -4.64
N GLY A 329 33.62 15.84 -4.95
CA GLY A 329 33.08 16.98 -4.22
C GLY A 329 32.02 16.57 -3.23
N MET A 330 32.24 16.90 -1.96
CA MET A 330 31.27 16.62 -0.91
C MET A 330 30.49 17.87 -0.52
N ILE A 331 29.41 18.13 -1.24
CA ILE A 331 28.67 19.38 -1.06
C ILE A 331 27.45 19.21 -0.17
N HIS A 332 26.87 20.35 0.21
CA HIS A 332 25.74 20.38 1.13
C HIS A 332 26.10 19.75 2.48
N THR A 333 27.00 20.40 3.20
CA THR A 333 27.39 19.97 4.53
C THR A 333 27.10 21.11 5.51
N HIS A 334 26.95 20.80 6.79
CA HIS A 334 26.66 21.82 7.80
C HIS A 334 27.77 21.94 8.83
N SER A 335 27.93 23.15 9.36
CA SER A 335 28.98 23.44 10.32
C SER A 335 28.42 24.07 11.59
N THR A 336 29.32 24.40 12.50
CA THR A 336 28.96 25.09 13.74
C THR A 336 28.23 26.41 13.51
N TRP A 337 28.48 27.06 12.37
CA TRP A 337 27.78 28.28 11.99
C TRP A 337 26.27 28.11 12.01
N SER A 338 25.81 26.91 11.67
CA SER A 338 24.39 26.62 11.58
C SER A 338 23.99 25.66 12.71
N ASP A 339 23.53 24.47 12.34
CA ASP A 339 23.19 23.45 13.32
C ASP A 339 24.10 22.23 13.21
N GLY A 340 25.32 22.42 12.72
CA GLY A 340 26.31 21.36 12.69
C GLY A 340 27.06 21.26 14.01
N GLY A 341 27.93 20.27 14.12
CA GLY A 341 28.65 20.05 15.36
C GLY A 341 30.16 20.24 15.25
N ALA A 342 30.63 20.58 14.06
CA ALA A 342 32.05 20.79 13.82
C ALA A 342 32.30 22.09 13.06
N SER A 343 33.51 22.60 13.16
CA SER A 343 33.89 23.80 12.42
C SER A 343 34.06 23.43 10.95
N ILE A 344 34.11 24.45 10.09
CA ILE A 344 34.33 24.23 8.67
C ILE A 344 35.68 23.57 8.41
N ARG A 345 36.69 23.90 9.22
CA ARG A 345 38.01 23.29 9.05
C ARG A 345 37.99 21.80 9.35
N GLU A 346 37.35 21.41 10.46
CA GLU A 346 37.26 19.99 10.82
C GLU A 346 36.55 19.21 9.72
N MET A 347 35.46 19.78 9.19
CA MET A 347 34.71 19.14 8.11
C MET A 347 35.56 19.01 6.84
N ALA A 348 36.25 20.07 6.46
CA ALA A 348 37.11 20.03 5.28
C ALA A 348 38.23 19.00 5.42
N GLU A 349 38.94 19.03 6.56
CA GLU A 349 39.95 18.02 6.87
C GLU A 349 39.34 16.64 6.79
N ALA A 350 38.13 16.48 7.31
CA ALA A 350 37.46 15.19 7.30
C ALA A 350 37.21 14.66 5.88
N THR A 351 36.77 15.54 4.98
CA THR A 351 36.45 15.08 3.62
C THR A 351 37.72 14.69 2.87
N LEU A 352 38.86 15.24 3.31
CA LEU A 352 40.14 14.92 2.69
C LEU A 352 40.68 13.56 3.15
N THR A 353 40.54 13.27 4.43
CA THR A 353 41.05 11.99 4.95
C THR A 353 40.11 10.83 4.62
N LEU A 354 38.94 11.14 4.08
CA LEU A 354 38.02 10.12 3.61
C LEU A 354 38.26 9.83 2.13
N GLY A 355 39.09 10.65 1.49
CA GLY A 355 39.53 10.40 0.13
C GLY A 355 38.90 11.26 -0.94
N HIS A 356 38.20 12.32 -0.52
CA HIS A 356 37.53 13.19 -1.47
C HIS A 356 38.39 14.41 -1.79
N GLU A 357 37.91 15.26 -2.68
CA GLU A 357 38.71 16.36 -3.19
C GLU A 357 38.40 17.71 -2.56
N PHE A 358 37.12 18.05 -2.42
CA PHE A 358 36.75 19.35 -1.87
C PHE A 358 35.44 19.33 -1.08
N LEU A 359 35.26 20.33 -0.23
CA LEU A 359 34.08 20.43 0.64
C LEU A 359 33.13 21.51 0.17
N GLY A 360 31.84 21.19 0.17
CA GLY A 360 30.81 22.15 -0.16
C GLY A 360 30.08 22.62 1.09
N THR A 361 30.32 23.88 1.45
CA THR A 361 29.65 24.52 2.55
C THR A 361 28.18 24.79 2.20
N ALA A 362 27.29 24.66 3.18
CA ALA A 362 25.86 24.87 2.93
C ALA A 362 25.01 24.92 4.21
N ASP A 363 25.26 25.92 5.04
CA ASP A 363 24.50 26.08 6.28
C ASP A 363 23.14 26.73 6.00
N HIS A 364 22.21 26.61 6.94
CA HIS A 364 20.86 27.15 6.74
C HIS A 364 20.87 28.66 6.75
N SER A 365 19.73 29.23 6.37
CA SER A 365 19.58 30.67 6.28
C SER A 365 18.57 31.21 7.29
N ARG A 366 18.58 32.54 7.47
CA ARG A 366 17.58 33.26 8.25
C ARG A 366 16.40 32.43 8.75
N ALA A 367 15.52 32.05 7.83
CA ALA A 367 14.22 31.48 8.17
C ALA A 367 14.29 30.26 9.10
N ALA A 368 15.31 29.42 8.91
CA ALA A 368 15.48 28.26 9.78
C ALA A 368 15.95 28.71 11.15
N TYR A 369 15.00 29.20 11.94
CA TYR A 369 15.30 29.80 13.24
C TYR A 369 15.77 28.78 14.29
N TYR A 370 15.13 27.62 14.32
CA TYR A 370 15.43 26.62 15.32
C TYR A 370 16.66 25.79 14.94
N ALA A 371 17.23 26.09 13.79
CA ALA A 371 18.43 25.40 13.33
C ALA A 371 19.61 26.36 13.24
N ASN A 372 19.48 27.50 13.91
CA ASN A 372 20.55 28.50 13.97
C ASN A 372 20.96 29.02 12.60
N GLY A 373 19.97 29.33 11.77
CA GLY A 373 20.22 29.81 10.42
C GLY A 373 21.00 31.11 10.41
N LEU A 374 21.69 31.37 9.30
CA LEU A 374 22.54 32.54 9.16
C LEU A 374 21.81 33.76 8.61
N THR A 375 21.87 34.86 9.36
CA THR A 375 21.46 36.16 8.84
C THR A 375 22.41 36.55 7.71
N ILE A 376 22.08 37.61 6.98
CA ILE A 376 22.96 38.07 5.91
C ILE A 376 24.34 38.44 6.45
N GLU A 377 24.35 39.14 7.59
CA GLU A 377 25.59 39.59 8.22
C GLU A 377 26.46 38.43 8.69
N ARG A 378 25.84 37.41 9.29
CA ARG A 378 26.59 36.23 9.72
C ARG A 378 27.12 35.43 8.53
N LEU A 379 26.37 35.43 7.43
CA LEU A 379 26.83 34.77 6.21
C LEU A 379 28.09 35.45 5.68
N ARG A 380 28.13 36.78 5.76
CA ARG A 380 29.29 37.52 5.28
C ARG A 380 30.50 37.17 6.13
N GLU A 381 30.28 36.99 7.44
CA GLU A 381 31.34 36.56 8.35
C GLU A 381 31.82 35.14 8.05
N GLN A 382 30.90 34.25 7.69
CA GLN A 382 31.30 32.90 7.30
C GLN A 382 32.18 32.92 6.06
N LEU A 383 31.80 33.75 5.09
CA LEU A 383 32.54 33.85 3.84
C LEU A 383 33.96 34.34 4.06
N LYS A 384 34.13 35.27 5.01
CA LYS A 384 35.47 35.73 5.39
C LYS A 384 36.31 34.56 5.93
N GLU A 385 35.70 33.78 6.81
CA GLU A 385 36.38 32.60 7.37
C GLU A 385 36.76 31.60 6.28
N ILE A 386 35.86 31.37 5.34
CA ILE A 386 36.13 30.44 4.25
C ILE A 386 37.30 30.90 3.39
N ARG A 387 37.37 32.21 3.12
CA ARG A 387 38.49 32.76 2.37
C ARG A 387 39.82 32.49 3.07
N GLU A 388 39.84 32.61 4.39
CA GLU A 388 41.05 32.34 5.18
C GLU A 388 41.48 30.88 5.07
N LEU A 389 40.55 29.95 5.28
CA LEU A 389 40.83 28.52 5.13
C LEU A 389 41.36 28.18 3.74
N GLN A 390 40.85 28.88 2.73
CA GLN A 390 41.32 28.69 1.36
C GLN A 390 42.77 29.17 1.17
N ARG A 391 43.10 30.31 1.75
CA ARG A 391 44.48 30.79 1.73
C ARG A 391 45.40 29.73 2.32
N ALA A 392 44.94 29.11 3.40
CA ALA A 392 45.71 28.08 4.08
C ALA A 392 45.76 26.76 3.30
N GLY A 393 45.13 26.73 2.14
CA GLY A 393 45.21 25.58 1.26
C GLY A 393 44.10 24.56 1.36
N LEU A 394 43.00 24.92 2.01
CA LEU A 394 41.85 24.01 2.11
C LEU A 394 40.90 24.15 0.93
N PRO A 395 40.55 23.02 0.29
CA PRO A 395 39.70 23.01 -0.90
C PRO A 395 38.22 23.15 -0.53
N ILE A 396 37.70 24.37 -0.59
CA ILE A 396 36.33 24.64 -0.19
C ILE A 396 35.56 25.45 -1.25
N VAL A 397 34.27 25.15 -1.36
CA VAL A 397 33.36 25.90 -2.22
C VAL A 397 32.22 26.43 -1.33
N ALA A 398 31.99 27.74 -1.37
CA ALA A 398 31.04 28.35 -0.44
C ALA A 398 29.61 28.28 -0.97
N GLY A 399 28.72 27.73 -0.16
CA GLY A 399 27.33 27.67 -0.52
C GLY A 399 26.42 27.99 0.64
N SER A 400 25.13 27.82 0.42
CA SER A 400 24.14 28.02 1.47
C SER A 400 22.92 27.16 1.16
N GLU A 401 22.26 26.66 2.20
CA GLU A 401 20.99 25.99 1.99
C GLU A 401 19.88 26.99 2.23
N VAL A 402 19.45 27.64 1.14
CA VAL A 402 18.47 28.70 1.20
C VAL A 402 17.06 28.14 1.35
N ASP A 403 16.35 28.59 2.39
CA ASP A 403 14.99 28.13 2.64
C ASP A 403 14.06 28.70 1.60
N ILE A 404 13.10 27.90 1.14
CA ILE A 404 12.09 28.35 0.20
C ILE A 404 10.87 28.84 0.98
N LEU A 405 10.62 30.16 0.93
CA LEU A 405 9.48 30.73 1.63
C LEU A 405 8.20 30.14 1.07
N ASP A 406 7.11 30.22 1.83
CA ASP A 406 5.89 29.50 1.50
C ASP A 406 5.26 29.92 0.16
N ASP A 407 5.72 31.03 -0.40
CA ASP A 407 5.19 31.50 -1.68
C ASP A 407 6.07 31.12 -2.88
N GLY A 408 7.22 30.52 -2.61
CA GLY A 408 8.12 30.10 -3.66
C GLY A 408 9.39 30.95 -3.77
N SER A 409 9.41 32.07 -3.06
CA SER A 409 10.57 32.96 -3.08
C SER A 409 11.67 32.44 -2.15
N LEU A 410 12.88 32.97 -2.31
CA LEU A 410 14.05 32.49 -1.58
C LEU A 410 14.40 33.35 -0.35
N ASP A 411 14.97 32.71 0.66
CA ASP A 411 15.24 33.34 1.94
C ASP A 411 16.29 34.47 1.88
N PHE A 412 17.19 34.40 0.90
CA PHE A 412 18.20 35.45 0.71
C PHE A 412 17.93 36.27 -0.53
N PRO A 413 18.29 37.57 -0.50
CA PRO A 413 18.16 38.43 -1.67
C PRO A 413 19.10 37.97 -2.78
N ASP A 414 18.79 38.33 -4.03
CA ASP A 414 19.58 37.90 -5.18
C ASP A 414 21.05 38.32 -5.10
N ASP A 415 21.30 39.53 -4.60
CA ASP A 415 22.67 40.02 -4.51
C ASP A 415 23.51 39.20 -3.53
N VAL A 416 22.86 38.74 -2.45
CA VAL A 416 23.53 37.88 -1.48
C VAL A 416 23.82 36.50 -2.06
N LEU A 417 22.84 35.94 -2.77
CA LEU A 417 23.01 34.65 -3.44
C LEU A 417 24.12 34.73 -4.48
N GLY A 418 24.41 35.94 -4.94
CA GLY A 418 25.43 36.15 -5.97
C GLY A 418 26.85 36.02 -5.46
N GLU A 419 27.04 36.12 -4.15
CA GLU A 419 28.36 35.99 -3.54
C GLU A 419 28.78 34.53 -3.41
N LEU A 420 27.81 33.63 -3.51
CA LEU A 420 28.05 32.22 -3.26
C LEU A 420 28.57 31.48 -4.50
N ASP A 421 29.33 30.42 -4.27
CA ASP A 421 29.82 29.60 -5.37
C ASP A 421 28.71 28.68 -5.88
N TYR A 422 27.80 28.31 -4.99
CA TYR A 422 26.64 27.52 -5.36
C TYR A 422 25.52 27.65 -4.33
N VAL A 423 24.28 27.47 -4.78
CA VAL A 423 23.09 27.62 -3.95
C VAL A 423 22.24 26.35 -3.92
N VAL A 424 21.94 25.87 -2.72
CA VAL A 424 20.99 24.78 -2.55
C VAL A 424 19.67 25.37 -2.06
N VAL A 425 18.55 24.93 -2.63
CA VAL A 425 17.24 25.34 -2.14
C VAL A 425 16.49 24.17 -1.54
N SER A 426 15.72 24.44 -0.49
CA SER A 426 15.06 23.38 0.27
C SER A 426 13.85 23.88 1.02
N VAL A 427 12.91 22.97 1.27
CA VAL A 427 11.75 23.26 2.12
C VAL A 427 12.04 22.81 3.55
N HIS A 428 11.80 23.70 4.51
CA HIS A 428 11.98 23.39 5.92
C HIS A 428 10.82 23.96 6.74
N SER A 429 9.75 24.35 6.06
CA SER A 429 8.59 24.95 6.69
C SER A 429 7.36 24.71 5.81
N ASN A 430 6.17 24.82 6.41
CA ASN A 430 4.92 24.68 5.67
C ASN A 430 4.76 23.34 4.97
N PHE A 431 4.75 22.26 5.74
CA PHE A 431 4.63 20.93 5.16
C PHE A 431 3.19 20.55 4.85
N THR A 432 2.25 21.39 5.26
CA THR A 432 0.83 21.06 5.13
C THR A 432 0.07 21.90 4.10
N LEU A 433 0.80 22.68 3.31
CA LEU A 433 0.19 23.35 2.17
C LEU A 433 -0.48 22.31 1.27
N ASP A 434 -1.58 22.69 0.62
CA ASP A 434 -2.24 21.80 -0.33
C ASP A 434 -1.31 21.48 -1.49
N ALA A 435 -1.54 20.35 -2.15
CA ALA A 435 -0.67 19.89 -3.23
C ALA A 435 -0.38 20.96 -4.28
N ALA A 436 -1.40 21.63 -4.77
CA ALA A 436 -1.24 22.60 -5.85
C ALA A 436 -0.42 23.83 -5.44
N ARG A 437 -0.60 24.26 -4.19
CA ARG A 437 0.20 25.37 -3.67
C ARG A 437 1.66 24.97 -3.46
N GLN A 438 1.87 23.74 -2.99
CA GLN A 438 3.20 23.23 -2.72
C GLN A 438 3.99 23.05 -4.02
N THR A 439 3.33 22.50 -5.03
CA THR A 439 3.95 22.30 -6.33
C THR A 439 4.40 23.63 -6.95
N GLU A 440 3.50 24.62 -6.93
CA GLU A 440 3.81 25.94 -7.46
C GLU A 440 5.00 26.55 -6.73
N ARG A 441 5.05 26.32 -5.42
CA ARG A 441 6.13 26.82 -4.57
C ARG A 441 7.50 26.31 -5.03
N LEU A 442 7.60 24.99 -5.24
CA LEU A 442 8.86 24.39 -5.61
C LEU A 442 9.26 24.65 -7.07
N ILE A 443 8.28 24.70 -7.96
CA ILE A 443 8.54 25.05 -9.35
C ILE A 443 9.15 26.44 -9.42
N ARG A 444 8.60 27.36 -8.63
CA ARG A 444 9.09 28.73 -8.55
C ARG A 444 10.54 28.77 -8.07
N ALA A 445 10.85 27.99 -7.04
CA ALA A 445 12.18 27.98 -6.45
C ALA A 445 13.25 27.37 -7.35
N VAL A 446 12.92 26.27 -8.01
CA VAL A 446 13.88 25.60 -8.89
C VAL A 446 14.01 26.31 -10.23
N SER A 447 13.18 27.33 -10.45
CA SER A 447 13.24 28.11 -11.67
C SER A 447 14.09 29.37 -11.52
N HIS A 448 14.60 29.59 -10.31
CA HIS A 448 15.41 30.77 -10.02
C HIS A 448 16.69 30.72 -10.84
N PRO A 449 17.17 31.89 -11.30
CA PRO A 449 18.38 31.95 -12.13
C PRO A 449 19.65 31.51 -11.41
N LEU A 450 19.70 31.64 -10.09
CA LEU A 450 20.92 31.38 -9.34
C LEU A 450 20.96 30.01 -8.64
N VAL A 451 19.81 29.34 -8.56
CA VAL A 451 19.72 28.05 -7.89
C VAL A 451 20.52 26.98 -8.63
N THR A 452 21.29 26.18 -7.91
CA THR A 452 22.04 25.11 -8.56
C THR A 452 21.54 23.71 -8.20
N VAL A 453 21.15 23.49 -6.95
CA VAL A 453 20.67 22.19 -6.51
C VAL A 453 19.36 22.28 -5.72
N LEU A 454 18.45 21.35 -5.98
CA LEU A 454 17.25 21.18 -5.16
C LEU A 454 17.51 20.15 -4.04
N GLY A 455 17.47 20.60 -2.79
CA GLY A 455 17.70 19.72 -1.66
C GLY A 455 16.53 18.79 -1.37
N HIS A 456 16.82 17.61 -0.83
CA HIS A 456 15.81 16.58 -0.49
C HIS A 456 14.39 16.90 -0.96
N ALA A 457 14.13 16.69 -2.25
CA ALA A 457 12.89 17.15 -2.89
C ALA A 457 11.60 17.01 -2.08
N THR A 458 11.43 15.86 -1.43
CA THR A 458 10.13 15.49 -0.87
C THR A 458 9.93 15.82 0.60
N GLY A 459 11.02 16.03 1.33
CA GLY A 459 10.94 16.37 2.74
C GLY A 459 10.63 15.18 3.62
N ARG A 460 10.56 14.00 3.01
CA ARG A 460 10.29 12.76 3.75
C ARG A 460 11.35 12.48 4.81
N LEU A 461 10.94 11.87 5.92
CA LEU A 461 11.87 11.34 6.92
C LEU A 461 11.52 9.90 7.27
N LEU A 462 12.32 8.95 6.77
CA LEU A 462 12.05 7.53 6.98
C LEU A 462 11.75 7.18 8.44
N LEU A 463 10.62 6.51 8.66
CA LEU A 463 10.22 6.02 9.99
C LEU A 463 9.71 7.12 10.93
N ARG A 464 9.48 8.31 10.40
CA ARG A 464 9.01 9.43 11.22
C ARG A 464 7.81 10.16 10.62
N ARG A 465 7.96 10.62 9.38
CA ARG A 465 6.90 11.33 8.68
C ARG A 465 7.07 11.18 7.17
N PRO A 466 5.96 10.97 6.45
CA PRO A 466 5.98 10.99 4.99
C PRO A 466 6.31 12.38 4.48
N GLY A 467 6.62 12.51 3.20
CA GLY A 467 6.90 13.81 2.62
C GLY A 467 5.62 14.61 2.45
N TYR A 468 5.76 15.90 2.14
CA TYR A 468 4.59 16.73 1.89
C TYR A 468 3.94 16.34 0.56
N ALA A 469 2.66 16.66 0.44
CA ALA A 469 1.90 16.37 -0.77
C ALA A 469 2.27 17.33 -1.89
N LEU A 470 2.82 16.79 -2.97
CA LEU A 470 3.15 17.61 -4.15
C LEU A 470 3.14 16.74 -5.40
N ASP A 471 3.23 17.40 -6.56
CA ASP A 471 3.31 16.72 -7.84
C ASP A 471 4.75 16.64 -8.30
N LEU A 472 5.45 15.59 -7.89
CA LEU A 472 6.88 15.49 -8.11
C LEU A 472 7.26 15.67 -9.57
N ASP A 473 6.52 15.04 -10.48
CA ASP A 473 6.83 15.09 -11.91
C ASP A 473 6.81 16.51 -12.47
N ALA A 474 5.85 17.33 -12.02
CA ALA A 474 5.82 18.73 -12.42
C ALA A 474 7.07 19.45 -11.93
N VAL A 475 7.44 19.23 -10.67
CA VAL A 475 8.60 19.88 -10.08
C VAL A 475 9.89 19.47 -10.80
N LEU A 476 10.06 18.17 -11.00
CA LEU A 476 11.22 17.63 -11.69
C LEU A 476 11.32 18.17 -13.11
N GLY A 477 10.17 18.32 -13.77
CA GLY A 477 10.13 18.91 -15.09
C GLY A 477 10.67 20.32 -15.07
N ALA A 478 10.30 21.08 -14.03
CA ALA A 478 10.79 22.44 -13.85
C ALA A 478 12.31 22.46 -13.62
N CYS A 479 12.83 21.40 -12.98
CA CYS A 479 14.26 21.28 -12.78
C CYS A 479 14.96 21.07 -14.11
N GLU A 480 14.40 20.19 -14.93
CA GLU A 480 14.96 19.87 -16.24
C GLU A 480 15.01 21.13 -17.10
N ALA A 481 13.93 21.90 -17.07
CA ALA A 481 13.80 23.09 -17.90
C ALA A 481 14.77 24.20 -17.49
N ASN A 482 15.19 24.18 -16.23
CA ASN A 482 16.13 25.19 -15.74
C ASN A 482 17.53 24.63 -15.53
N GLY A 483 17.71 23.36 -15.87
CA GLY A 483 19.00 22.71 -15.71
C GLY A 483 19.47 22.67 -14.27
N THR A 484 18.54 22.79 -13.32
CA THR A 484 18.91 22.67 -11.92
C THR A 484 19.04 21.20 -11.51
N VAL A 485 20.15 20.86 -10.86
CA VAL A 485 20.41 19.48 -10.47
C VAL A 485 19.64 19.09 -9.21
N VAL A 486 19.12 17.87 -9.19
CA VAL A 486 18.29 17.40 -8.10
C VAL A 486 19.09 16.50 -7.16
N GLU A 487 18.90 16.70 -5.86
CA GLU A 487 19.73 16.03 -4.87
C GLU A 487 19.19 14.65 -4.51
N ILE A 488 20.11 13.69 -4.39
CA ILE A 488 19.81 12.43 -3.76
C ILE A 488 20.46 12.47 -2.39
N ASN A 489 19.68 12.83 -1.37
CA ASN A 489 20.20 13.06 -0.04
C ASN A 489 20.64 11.75 0.58
N ALA A 490 21.93 11.63 0.83
CA ALA A 490 22.51 10.37 1.31
C ALA A 490 22.23 10.07 2.79
N ASN A 491 21.76 11.06 3.54
CA ASN A 491 21.42 10.81 4.94
C ASN A 491 20.40 9.67 5.04
N ALA A 492 20.73 8.66 5.84
CA ALA A 492 19.93 7.43 5.93
C ALA A 492 18.46 7.64 6.31
N ALA A 493 18.14 8.79 6.90
CA ALA A 493 16.76 9.08 7.28
C ALA A 493 16.02 9.80 6.16
N ARG A 494 16.73 10.14 5.10
CA ARG A 494 16.10 10.80 3.97
C ARG A 494 16.07 9.95 2.71
N LEU A 495 17.24 9.61 2.18
CA LEU A 495 17.34 8.84 0.94
C LEU A 495 16.33 9.35 -0.07
N ASP A 496 16.45 10.62 -0.40
CA ASP A 496 15.44 11.37 -1.12
C ASP A 496 16.19 12.47 -1.86
N LEU A 497 16.04 12.60 -3.17
CA LEU A 497 15.08 11.89 -4.03
C LEU A 497 15.09 10.36 -3.98
N ASP A 498 13.90 9.77 -3.93
CA ASP A 498 13.75 8.31 -3.92
C ASP A 498 14.39 7.71 -5.17
N TRP A 499 15.01 6.54 -5.02
CA TRP A 499 15.70 5.91 -6.15
C TRP A 499 14.71 5.52 -7.25
N ARG A 500 13.45 5.32 -6.87
CA ARG A 500 12.43 4.96 -7.85
C ARG A 500 12.17 6.11 -8.81
N GLU A 501 12.14 7.34 -8.28
CA GLU A 501 11.94 8.50 -9.12
C GLU A 501 13.19 8.85 -9.93
N ALA A 502 14.36 8.60 -9.34
CA ALA A 502 15.63 8.78 -10.05
C ALA A 502 15.75 7.81 -11.22
N LEU A 503 15.25 6.60 -11.04
CA LEU A 503 15.25 5.60 -12.10
C LEU A 503 14.43 6.08 -13.30
N ARG A 504 13.29 6.70 -13.02
CA ARG A 504 12.41 7.20 -14.07
C ARG A 504 12.98 8.42 -14.80
N TRP A 505 13.81 9.20 -14.10
CA TRP A 505 14.29 10.47 -14.63
C TRP A 505 15.77 10.49 -14.97
N ARG A 506 16.42 9.32 -14.92
CA ARG A 506 17.86 9.23 -15.11
C ARG A 506 18.35 9.78 -16.45
N GLU A 507 17.46 9.86 -17.43
CA GLU A 507 17.83 10.34 -18.76
C GLU A 507 17.69 11.85 -18.86
N ARG A 508 16.99 12.45 -17.91
CA ARG A 508 16.58 13.85 -18.04
C ARG A 508 17.19 14.81 -17.01
N LEU A 509 17.79 14.27 -15.96
CA LEU A 509 18.34 15.12 -14.90
C LEU A 509 19.80 14.79 -14.61
N LYS A 510 20.52 15.78 -14.10
CA LYS A 510 21.79 15.53 -13.44
C LYS A 510 21.52 15.48 -11.95
N PHE A 511 22.19 14.59 -11.25
CA PHE A 511 21.93 14.42 -9.83
C PHE A 511 23.13 14.80 -8.98
N ALA A 512 22.88 15.01 -7.69
CA ALA A 512 23.95 15.24 -6.75
C ALA A 512 23.76 14.33 -5.53
N ILE A 513 24.73 13.46 -5.27
CA ILE A 513 24.69 12.61 -4.09
C ILE A 513 25.32 13.34 -2.91
N ASN A 514 24.47 13.94 -2.08
CA ASN A 514 24.92 14.79 -0.97
C ASN A 514 24.60 14.19 0.38
N THR A 515 25.58 14.25 1.30
CA THR A 515 25.44 13.61 2.61
C THR A 515 24.59 14.44 3.58
N ASP A 516 24.55 15.75 3.38
CA ASP A 516 23.88 16.65 4.33
C ASP A 516 24.46 16.47 5.72
N ALA A 517 25.77 16.24 5.79
CA ALA A 517 26.46 15.99 7.06
C ALA A 517 26.36 17.14 8.05
N HIS A 518 25.91 16.84 9.27
CA HIS A 518 25.88 17.82 10.34
C HIS A 518 27.03 17.57 11.32
N VAL A 519 27.87 16.60 10.97
CA VAL A 519 28.93 16.13 11.83
C VAL A 519 29.94 15.43 10.90
N PRO A 520 31.23 15.45 11.28
CA PRO A 520 32.26 14.88 10.39
C PRO A 520 31.97 13.44 9.97
N GLY A 521 31.49 12.62 10.90
CA GLY A 521 31.17 11.25 10.60
C GLY A 521 30.01 11.13 9.62
N GLY A 522 29.26 12.22 9.49
CA GLY A 522 28.13 12.26 8.58
C GLY A 522 28.55 12.14 7.13
N LEU A 523 29.82 12.40 6.87
CA LEU A 523 30.37 12.32 5.51
C LEU A 523 30.46 10.88 5.04
N ARG A 524 30.44 9.95 5.98
CA ARG A 524 30.47 8.53 5.65
C ARG A 524 29.09 8.00 5.26
N ASP A 525 28.10 8.89 5.25
CA ASP A 525 26.76 8.51 4.82
C ASP A 525 26.69 8.39 3.30
N ALA A 526 27.65 8.98 2.62
CA ALA A 526 27.70 8.95 1.16
C ALA A 526 27.42 7.55 0.63
N ARG A 527 27.92 6.56 1.36
CA ARG A 527 27.74 5.15 1.03
C ARG A 527 26.27 4.73 0.90
N TYR A 528 25.40 5.37 1.66
CA TYR A 528 23.96 5.07 1.58
C TYR A 528 23.31 5.72 0.38
N GLY A 529 23.72 6.95 0.07
CA GLY A 529 23.24 7.63 -1.11
C GLY A 529 23.67 6.91 -2.38
N VAL A 530 24.90 6.42 -2.38
CA VAL A 530 25.44 5.68 -3.52
C VAL A 530 24.65 4.39 -3.79
N MET A 531 24.24 3.70 -2.72
CA MET A 531 23.45 2.47 -2.87
C MET A 531 22.13 2.76 -3.56
N GLN A 532 21.54 3.92 -3.26
CA GLN A 532 20.30 4.36 -3.90
C GLN A 532 20.56 4.74 -5.36
N ALA A 533 21.64 5.48 -5.60
CA ALA A 533 21.99 5.91 -6.95
C ALA A 533 22.25 4.73 -7.89
N ARG A 534 22.87 3.68 -7.36
CA ARG A 534 23.21 2.52 -8.17
C ARG A 534 21.97 1.71 -8.60
N LYS A 535 20.96 1.67 -7.75
CA LYS A 535 19.70 1.03 -8.12
C LYS A 535 19.01 1.82 -9.21
N ALA A 536 19.25 3.13 -9.26
CA ALA A 536 18.66 3.95 -10.31
C ALA A 536 19.47 3.85 -11.59
N GLY A 537 20.65 3.25 -11.51
CA GLY A 537 21.49 3.04 -12.67
C GLY A 537 22.36 4.24 -13.03
N LEU A 538 22.73 5.02 -12.02
CA LEU A 538 23.50 6.23 -12.26
C LEU A 538 25.00 5.95 -12.36
N THR A 539 25.65 6.61 -13.31
CA THR A 539 27.10 6.55 -13.47
C THR A 539 27.72 7.85 -12.96
N PRO A 540 29.06 7.88 -12.83
CA PRO A 540 29.69 9.14 -12.40
C PRO A 540 29.28 10.31 -13.30
N ALA A 541 28.91 10.02 -14.54
CA ALA A 541 28.54 11.09 -15.48
C ALA A 541 27.17 11.69 -15.20
N HIS A 542 26.35 10.97 -14.44
CA HIS A 542 25.03 11.48 -14.05
C HIS A 542 25.11 12.34 -12.79
N VAL A 543 26.26 12.27 -12.10
CA VAL A 543 26.41 12.89 -10.79
C VAL A 543 27.46 14.01 -10.80
N VAL A 544 27.03 15.24 -10.53
CA VAL A 544 27.95 16.39 -10.50
C VAL A 544 29.08 16.26 -9.49
N ASN A 545 28.85 15.53 -8.40
CA ASN A 545 29.88 15.32 -7.38
C ASN A 545 31.16 14.71 -7.94
N SER A 546 31.07 14.10 -9.11
CA SER A 546 32.20 13.41 -9.71
C SER A 546 33.18 14.38 -10.37
N LEU A 547 32.77 15.64 -10.45
CA LEU A 547 33.60 16.71 -11.01
C LEU A 547 34.58 17.21 -9.96
N GLY A 548 35.79 17.54 -10.39
CA GLY A 548 36.77 18.15 -9.52
C GLY A 548 36.34 19.56 -9.17
N ARG A 549 37.04 20.20 -8.25
CA ARG A 549 36.64 21.52 -7.76
C ARG A 549 36.47 22.53 -8.89
N ALA A 550 37.52 22.73 -9.67
CA ALA A 550 37.49 23.71 -10.76
C ALA A 550 36.45 23.34 -11.83
N GLU A 551 36.32 22.04 -12.11
CA GLU A 551 35.30 21.56 -13.04
C GLU A 551 33.90 21.88 -12.51
N PHE A 552 33.75 21.85 -11.19
CA PHE A 552 32.47 22.12 -10.55
C PHE A 552 32.11 23.59 -10.67
N LEU A 553 33.08 24.46 -10.43
CA LEU A 553 32.83 25.89 -10.42
C LEU A 553 32.39 26.43 -11.78
N ASP A 554 32.84 25.81 -12.86
CA ASP A 554 32.40 26.28 -14.18
C ASP A 554 31.22 25.48 -14.72
N PHE A 555 30.88 24.36 -14.07
CA PHE A 555 29.63 23.68 -14.37
C PHE A 555 28.48 24.61 -14.00
N VAL A 556 28.57 25.22 -12.82
CA VAL A 556 27.52 26.13 -12.36
C VAL A 556 27.59 27.48 -13.07
N ALA A 557 28.74 27.78 -13.66
CA ALA A 557 28.86 28.99 -14.45
C ALA A 557 28.18 28.77 -15.79
N ARG A 558 28.34 27.56 -16.32
CA ARG A 558 27.69 27.18 -17.57
C ARG A 558 26.20 27.01 -17.34
N GLN A 559 25.85 26.39 -16.22
CA GLN A 559 24.46 26.21 -15.82
C GLN A 559 23.72 27.54 -15.75
N ARG A 560 24.37 28.55 -15.18
CA ARG A 560 23.74 29.87 -15.03
C ARG A 560 23.74 30.65 -16.34
N ALA A 561 24.72 30.37 -17.20
CA ALA A 561 24.82 31.01 -18.50
C ALA A 561 23.76 30.49 -19.45
N ALA A 562 23.34 29.24 -19.25
CA ALA A 562 22.37 28.61 -20.12
C ALA A 562 20.95 29.14 -19.95
N ARG A 563 20.73 29.99 -18.95
CA ARG A 563 19.40 30.55 -18.74
C ARG A 563 19.33 32.07 -18.88
N GLY A 564 18.14 32.62 -18.71
CA GLY A 564 17.92 34.04 -18.90
C GLY A 564 17.96 34.45 -20.36
N ASP B 6 -0.11 -35.78 -15.99
CA ASP B 6 -0.67 -35.64 -17.33
C ASP B 6 -0.57 -34.21 -17.86
N ALA B 7 0.57 -33.92 -18.49
CA ALA B 7 0.84 -32.59 -19.05
C ALA B 7 -0.26 -32.15 -20.00
N PRO B 8 -0.46 -30.83 -20.12
CA PRO B 8 -1.49 -30.33 -21.04
C PRO B 8 -1.17 -30.79 -22.46
N SER B 9 -2.20 -31.12 -23.23
CA SER B 9 -2.01 -31.55 -24.61
C SER B 9 -1.75 -30.34 -25.50
N ARG B 10 -1.29 -30.60 -26.72
CA ARG B 10 -1.03 -29.52 -27.65
C ARG B 10 -2.27 -28.66 -27.82
N HIS B 11 -3.44 -29.30 -27.79
CA HIS B 11 -4.71 -28.61 -27.99
C HIS B 11 -4.97 -27.68 -26.81
N ARG B 12 -4.45 -28.06 -25.64
CA ARG B 12 -4.50 -27.22 -24.45
C ARG B 12 -3.61 -25.99 -24.60
N LEU B 13 -2.40 -26.17 -25.12
CA LEU B 13 -1.48 -25.07 -25.33
C LEU B 13 -2.05 -24.06 -26.33
N VAL B 14 -2.61 -24.57 -27.42
CA VAL B 14 -3.19 -23.73 -28.46
C VAL B 14 -4.34 -22.87 -27.94
N HIS B 15 -5.26 -23.48 -27.19
CA HIS B 15 -6.40 -22.74 -26.64
C HIS B 15 -5.98 -21.71 -25.60
N ALA B 16 -4.92 -22.01 -24.86
CA ALA B 16 -4.43 -21.11 -23.83
C ALA B 16 -3.88 -19.84 -24.47
N LEU B 17 -3.15 -20.00 -25.57
CA LEU B 17 -2.62 -18.87 -26.33
C LEU B 17 -3.77 -18.07 -26.94
N GLU B 18 -4.73 -18.78 -27.53
CA GLU B 18 -5.93 -18.14 -28.11
C GLU B 18 -6.66 -17.31 -27.07
N ARG B 19 -7.00 -17.95 -25.96
CA ARG B 19 -7.77 -17.30 -24.91
C ARG B 19 -7.00 -16.09 -24.35
N THR B 20 -5.67 -16.18 -24.37
CA THR B 20 -4.83 -15.06 -23.93
C THR B 20 -4.94 -13.88 -24.91
N ALA B 21 -4.90 -14.17 -26.20
CA ALA B 21 -5.04 -13.15 -27.22
C ALA B 21 -6.37 -12.43 -27.09
N ASP B 22 -7.43 -13.19 -26.79
CA ASP B 22 -8.77 -12.64 -26.63
C ASP B 22 -8.83 -11.66 -25.48
N LEU B 23 -8.13 -11.96 -24.40
CA LEU B 23 -8.08 -11.05 -23.25
C LEU B 23 -7.37 -9.75 -23.61
N LEU B 24 -6.32 -9.87 -24.42
CA LEU B 24 -5.58 -8.71 -24.88
C LEU B 24 -6.40 -7.87 -25.86
N ASP B 25 -7.24 -8.52 -26.64
CA ASP B 25 -8.17 -7.82 -27.52
C ASP B 25 -9.22 -7.05 -26.74
N ILE B 26 -9.47 -7.49 -25.51
CA ILE B 26 -10.65 -7.02 -24.77
C ILE B 26 -10.59 -5.60 -24.21
N LEU B 27 -9.51 -5.24 -23.50
CA LEU B 27 -9.59 -4.04 -22.67
C LEU B 27 -9.10 -2.67 -23.20
N GLY B 28 -8.08 -2.62 -24.06
CA GLY B 28 -7.25 -3.73 -24.46
C GLY B 28 -5.91 -3.10 -24.82
N GLY B 29 -5.82 -2.55 -26.03
CA GLY B 29 -4.68 -1.73 -26.41
C GLY B 29 -3.57 -2.45 -27.15
N GLU B 30 -3.37 -3.72 -26.82
CA GLU B 30 -2.29 -4.50 -27.43
C GLU B 30 -2.76 -5.15 -28.73
N ASP B 31 -2.24 -4.68 -29.85
CA ASP B 31 -2.46 -5.36 -31.13
C ASP B 31 -1.17 -6.01 -31.60
N PHE B 32 -0.12 -5.84 -30.80
CA PHE B 32 1.16 -6.48 -31.07
C PHE B 32 1.19 -7.83 -30.37
N LYS B 33 0.90 -7.82 -29.08
CA LYS B 33 0.91 -9.05 -28.30
C LYS B 33 -0.19 -10.03 -28.71
N SER B 34 -1.40 -9.53 -28.89
CA SER B 34 -2.51 -10.38 -29.33
C SER B 34 -2.17 -11.00 -30.67
N ARG B 35 -1.57 -10.19 -31.54
CA ARG B 35 -1.08 -10.65 -32.84
C ARG B 35 0.00 -11.73 -32.67
N ALA B 36 0.93 -11.49 -31.75
CA ALA B 36 2.02 -12.42 -31.48
C ALA B 36 1.52 -13.72 -30.85
N TYR B 37 0.55 -13.61 -29.94
CA TYR B 37 -0.04 -14.77 -29.30
C TYR B 37 -0.90 -15.56 -30.26
N ARG B 38 -1.79 -14.88 -30.97
CA ARG B 38 -2.68 -15.55 -31.89
C ARG B 38 -1.91 -16.21 -33.03
N SER B 39 -0.73 -15.68 -33.32
CA SER B 39 0.08 -16.20 -34.41
C SER B 39 0.92 -17.41 -33.97
N ALA B 40 1.26 -17.43 -32.68
CA ALA B 40 1.93 -18.59 -32.10
C ALA B 40 0.94 -19.74 -31.92
N ALA B 41 -0.33 -19.39 -31.77
CA ALA B 41 -1.38 -20.39 -31.67
C ALA B 41 -1.55 -21.13 -33.00
N ARG B 42 -1.43 -20.40 -34.11
CA ARG B 42 -1.56 -21.06 -35.41
C ARG B 42 -0.26 -21.68 -35.92
N SER B 43 0.80 -21.58 -35.13
CA SER B 43 2.04 -22.31 -35.43
C SER B 43 1.99 -23.70 -34.81
N LEU B 44 1.49 -23.78 -33.58
CA LEU B 44 1.25 -25.07 -32.95
C LEU B 44 0.02 -25.68 -33.57
N GLU B 45 -0.71 -24.88 -34.33
CA GLU B 45 -1.84 -25.36 -35.10
C GLU B 45 -1.36 -26.50 -35.98
N GLU B 46 -0.38 -26.21 -36.83
CA GLU B 46 0.26 -27.22 -37.65
C GLU B 46 1.15 -28.10 -36.78
N LEU B 47 0.55 -29.03 -36.07
CA LEU B 47 1.28 -29.76 -35.06
C LEU B 47 1.46 -31.24 -35.40
N ASN B 48 2.64 -31.57 -35.93
CA ASN B 48 3.02 -32.97 -36.03
C ASN B 48 3.18 -33.49 -34.61
N GLU B 49 3.99 -32.78 -33.84
CA GLU B 49 4.46 -33.24 -32.54
C GLU B 49 3.47 -32.99 -31.40
N GLU B 50 3.66 -33.71 -30.30
CA GLU B 50 2.85 -33.54 -29.10
C GLU B 50 3.70 -33.04 -27.95
N THR B 51 3.07 -32.54 -26.89
CA THR B 51 3.75 -31.88 -25.77
C THR B 51 5.13 -32.45 -25.41
N PRO B 52 5.20 -33.77 -25.10
CA PRO B 52 6.49 -34.32 -24.65
C PRO B 52 7.61 -34.09 -25.65
N GLU B 53 7.32 -34.25 -26.94
CA GLU B 53 8.31 -33.99 -28.00
C GLU B 53 8.74 -32.53 -27.99
N LEU B 54 7.76 -31.64 -27.87
CA LEU B 54 8.03 -30.20 -27.89
C LEU B 54 8.79 -29.75 -26.64
N LEU B 55 8.43 -30.31 -25.48
CA LEU B 55 9.11 -29.98 -24.23
C LEU B 55 10.59 -30.36 -24.30
N ALA B 56 10.88 -31.46 -24.98
CA ALA B 56 12.27 -31.91 -25.15
C ALA B 56 13.06 -30.89 -25.95
N ARG B 57 12.42 -30.32 -26.96
CA ARG B 57 13.02 -29.25 -27.74
C ARG B 57 12.87 -27.94 -26.97
N GLU B 58 12.17 -28.02 -25.84
CA GLU B 58 11.80 -26.84 -25.06
C GLU B 58 11.22 -25.75 -25.96
N PHE B 59 10.44 -26.18 -26.94
CA PHE B 59 9.65 -25.30 -27.81
C PHE B 59 10.49 -24.32 -28.61
N THR B 60 11.78 -24.61 -28.77
CA THR B 60 12.68 -23.69 -29.43
C THR B 60 12.36 -23.50 -30.91
N GLY B 61 12.58 -24.55 -31.70
CA GLY B 61 12.47 -24.45 -33.14
C GLY B 61 11.06 -24.52 -33.69
N ILE B 62 10.21 -23.60 -33.26
CA ILE B 62 8.86 -23.49 -33.81
C ILE B 62 8.67 -22.10 -34.41
N PRO B 63 8.25 -22.04 -35.68
CA PRO B 63 8.05 -20.76 -36.33
C PRO B 63 7.08 -19.86 -35.57
N LYS B 64 7.48 -18.62 -35.34
CA LYS B 64 6.61 -17.61 -34.72
C LYS B 64 6.37 -17.81 -33.23
N VAL B 65 7.17 -18.66 -32.60
CA VAL B 65 7.20 -18.72 -31.14
C VAL B 65 8.59 -18.31 -30.63
N GLY B 66 8.66 -17.14 -30.00
CA GLY B 66 9.92 -16.59 -29.56
C GLY B 66 10.38 -17.16 -28.24
N LYS B 67 11.42 -16.57 -27.67
CA LYS B 67 11.97 -17.00 -26.40
C LYS B 67 10.91 -16.96 -25.32
N GLY B 68 10.13 -15.88 -25.31
CA GLY B 68 9.17 -15.61 -24.27
C GLY B 68 8.00 -16.57 -24.26
N ILE B 69 7.34 -16.70 -25.41
CA ILE B 69 6.21 -17.62 -25.53
C ILE B 69 6.67 -19.06 -25.34
N ALA B 70 7.87 -19.38 -25.82
CA ALA B 70 8.42 -20.72 -25.68
C ALA B 70 8.66 -21.03 -24.22
N ALA B 71 9.03 -20.00 -23.47
CA ALA B 71 9.31 -20.15 -22.05
C ALA B 71 8.01 -20.30 -21.25
N GLU B 72 6.97 -19.60 -21.67
CA GLU B 72 5.66 -19.73 -21.01
C GLU B 72 5.03 -21.08 -21.30
N LEU B 73 5.18 -21.53 -22.54
CA LEU B 73 4.68 -22.83 -22.96
C LEU B 73 5.39 -23.94 -22.19
N SER B 74 6.71 -23.86 -22.07
CA SER B 74 7.46 -24.84 -21.30
C SER B 74 6.92 -24.93 -19.87
N ASP B 75 6.85 -23.78 -19.19
CA ASP B 75 6.32 -23.74 -17.84
C ASP B 75 4.93 -24.36 -17.77
N PHE B 76 4.10 -24.03 -18.76
CA PHE B 76 2.75 -24.58 -18.83
C PHE B 76 2.79 -26.10 -18.83
N ALA B 77 3.67 -26.65 -19.67
CA ALA B 77 3.83 -28.09 -19.83
C ALA B 77 4.32 -28.78 -18.56
N ARG B 78 5.23 -28.12 -17.84
CA ARG B 78 5.82 -28.69 -16.62
C ARG B 78 4.96 -28.49 -15.37
N SER B 79 4.03 -27.54 -15.42
CA SER B 79 3.27 -27.17 -14.23
C SER B 79 1.76 -27.37 -14.36
N GLY B 80 1.25 -27.34 -15.59
CA GLY B 80 -0.17 -27.43 -15.83
C GLY B 80 -0.84 -26.09 -15.62
N THR B 81 0.00 -25.07 -15.47
CA THR B 81 -0.45 -23.70 -15.24
C THR B 81 0.14 -22.76 -16.29
N PHE B 82 -0.71 -21.97 -16.94
CA PHE B 82 -0.25 -21.02 -17.95
C PHE B 82 -0.18 -19.60 -17.38
N ALA B 83 1.05 -19.11 -17.18
CA ALA B 83 1.29 -17.88 -16.42
C ALA B 83 0.40 -16.67 -16.77
N PRO B 84 0.45 -16.19 -18.02
CA PRO B 84 -0.34 -15.01 -18.36
C PRO B 84 -1.82 -15.14 -18.01
N LEU B 85 -2.39 -16.32 -18.19
CA LEU B 85 -3.80 -16.53 -17.88
C LEU B 85 -4.08 -16.57 -16.38
N GLU B 86 -3.12 -17.09 -15.61
CA GLU B 86 -3.28 -17.15 -14.16
C GLU B 86 -3.21 -15.75 -13.54
N ALA B 87 -2.33 -14.91 -14.09
CA ALA B 87 -2.24 -13.52 -13.69
C ALA B 87 -3.59 -12.83 -13.91
N ALA B 88 -4.15 -13.02 -15.10
CA ALA B 88 -5.44 -12.41 -15.42
C ALA B 88 -6.59 -12.87 -14.50
N ALA B 89 -6.59 -14.15 -14.12
CA ALA B 89 -7.63 -14.65 -13.25
C ALA B 89 -7.63 -13.88 -11.93
N GLY B 90 -6.46 -13.45 -11.50
CA GLY B 90 -6.33 -12.75 -10.23
C GLY B 90 -6.55 -11.25 -10.32
N GLN B 91 -6.52 -10.70 -11.53
CA GLN B 91 -6.64 -9.26 -11.71
C GLN B 91 -8.02 -8.83 -12.20
N LEU B 92 -8.63 -9.65 -13.04
CA LEU B 92 -9.91 -9.30 -13.64
C LEU B 92 -11.07 -9.36 -12.64
N PRO B 93 -12.11 -8.55 -12.88
CA PRO B 93 -13.31 -8.52 -12.05
C PRO B 93 -14.05 -9.85 -12.12
N PRO B 94 -14.68 -10.28 -11.02
CA PRO B 94 -15.43 -11.53 -10.95
C PRO B 94 -16.47 -11.67 -12.05
N GLY B 95 -17.23 -10.61 -12.31
CA GLY B 95 -18.27 -10.65 -13.31
C GLY B 95 -17.75 -10.79 -14.73
N LEU B 96 -16.54 -10.29 -14.97
CA LEU B 96 -15.94 -10.43 -16.30
C LEU B 96 -15.47 -11.87 -16.52
N LEU B 97 -14.90 -12.47 -15.48
CA LEU B 97 -14.50 -13.87 -15.52
C LEU B 97 -15.70 -14.76 -15.82
N ASP B 98 -16.87 -14.35 -15.35
CA ASP B 98 -18.11 -15.06 -15.62
C ASP B 98 -18.54 -14.96 -17.07
N LEU B 99 -18.60 -13.73 -17.58
CA LEU B 99 -18.99 -13.49 -18.97
C LEU B 99 -18.08 -14.23 -19.95
N LEU B 100 -16.81 -14.37 -19.59
CA LEU B 100 -15.86 -15.12 -20.40
C LEU B 100 -16.18 -16.61 -20.46
N GLY B 101 -17.16 -17.03 -19.67
CA GLY B 101 -17.57 -18.43 -19.65
C GLY B 101 -18.90 -18.65 -20.35
N VAL B 102 -19.50 -17.57 -20.84
CA VAL B 102 -20.76 -17.64 -21.57
C VAL B 102 -20.53 -18.05 -23.02
N ARG B 103 -20.86 -19.30 -23.35
CA ARG B 103 -20.68 -19.81 -24.70
C ARG B 103 -21.31 -18.88 -25.73
N GLY B 104 -20.52 -18.41 -26.68
CA GLY B 104 -21.03 -17.58 -27.76
C GLY B 104 -20.69 -16.09 -27.65
N LEU B 105 -20.03 -15.69 -26.57
CA LEU B 105 -19.63 -14.31 -26.41
C LEU B 105 -18.17 -14.08 -26.82
N GLY B 106 -17.97 -13.37 -27.92
CA GLY B 106 -16.64 -13.03 -28.38
C GLY B 106 -16.06 -11.85 -27.63
N PRO B 107 -14.77 -11.56 -27.85
CA PRO B 107 -14.09 -10.43 -27.20
C PRO B 107 -14.80 -9.11 -27.43
N LYS B 108 -15.19 -8.86 -28.68
CA LYS B 108 -15.85 -7.61 -29.06
C LYS B 108 -17.21 -7.42 -28.38
N LYS B 109 -17.93 -8.54 -28.20
CA LYS B 109 -19.24 -8.50 -27.55
C LYS B 109 -19.09 -8.32 -26.04
N ILE B 110 -18.17 -9.05 -25.44
CA ILE B 110 -17.92 -8.91 -24.02
C ILE B 110 -17.50 -7.48 -23.71
N ARG B 111 -16.77 -6.88 -24.63
CA ARG B 111 -16.32 -5.51 -24.45
C ARG B 111 -17.46 -4.50 -24.59
N SER B 112 -18.41 -4.79 -25.47
CA SER B 112 -19.53 -3.88 -25.66
C SER B 112 -20.59 -4.05 -24.55
N LEU B 113 -20.68 -5.25 -23.99
CA LEU B 113 -21.53 -5.47 -22.83
C LEU B 113 -20.98 -4.66 -21.66
N TRP B 114 -19.67 -4.73 -21.45
CA TRP B 114 -19.02 -4.00 -20.37
C TRP B 114 -19.27 -2.50 -20.51
N LEU B 115 -19.05 -1.96 -21.70
CA LEU B 115 -19.23 -0.53 -21.92
C LEU B 115 -20.71 -0.13 -21.80
N ALA B 116 -21.59 -1.12 -21.94
CA ALA B 116 -23.03 -0.87 -21.83
C ALA B 116 -23.53 -1.02 -20.40
N GLY B 117 -22.63 -1.37 -19.47
CA GLY B 117 -22.97 -1.47 -18.07
C GLY B 117 -23.44 -2.85 -17.63
N ILE B 118 -23.18 -3.85 -18.45
CA ILE B 118 -23.53 -5.23 -18.12
C ILE B 118 -22.30 -5.97 -17.64
N ASP B 119 -22.23 -6.21 -16.33
CA ASP B 119 -20.99 -6.64 -15.69
C ASP B 119 -21.08 -7.97 -14.96
N SER B 120 -22.21 -8.65 -15.06
CA SER B 120 -22.35 -9.96 -14.39
C SER B 120 -23.39 -10.85 -15.07
N LEU B 121 -23.32 -12.14 -14.77
CA LEU B 121 -24.29 -13.10 -15.28
C LEU B 121 -25.71 -12.67 -14.98
N GLU B 122 -25.95 -12.28 -13.73
CA GLU B 122 -27.28 -11.86 -13.31
C GLU B 122 -27.76 -10.62 -14.06
N ARG B 123 -26.88 -9.64 -14.21
CA ARG B 123 -27.20 -8.40 -14.93
C ARG B 123 -27.38 -8.66 -16.43
N LEU B 124 -26.68 -9.65 -16.96
CA LEU B 124 -26.84 -10.06 -18.35
C LEU B 124 -28.21 -10.72 -18.53
N ARG B 125 -28.60 -11.54 -17.56
CA ARG B 125 -29.88 -12.21 -17.60
C ARG B 125 -31.04 -11.21 -17.58
N GLU B 126 -30.90 -10.15 -16.80
CA GLU B 126 -31.91 -9.10 -16.74
C GLU B 126 -31.96 -8.33 -18.06
N ALA B 127 -30.79 -8.06 -18.63
CA ALA B 127 -30.71 -7.34 -19.90
C ALA B 127 -31.42 -8.11 -21.00
N ALA B 128 -31.29 -9.44 -20.98
CA ALA B 128 -31.98 -10.28 -21.93
C ALA B 128 -33.49 -10.20 -21.70
N GLU B 129 -33.88 -10.29 -20.44
CA GLU B 129 -35.28 -10.21 -20.03
C GLU B 129 -35.99 -8.95 -20.54
N SER B 130 -35.31 -7.81 -20.44
CA SER B 130 -35.95 -6.52 -20.64
C SER B 130 -35.89 -5.99 -22.06
N GLY B 131 -35.17 -6.69 -22.94
CA GLY B 131 -34.96 -6.21 -24.30
C GLY B 131 -33.74 -5.32 -24.42
N GLU B 132 -33.14 -4.95 -23.30
CA GLU B 132 -31.97 -4.10 -23.29
C GLU B 132 -30.82 -4.71 -24.09
N LEU B 133 -30.65 -6.02 -23.92
CA LEU B 133 -29.58 -6.74 -24.60
C LEU B 133 -29.75 -6.67 -26.11
N ALA B 134 -30.96 -7.01 -26.57
CA ALA B 134 -31.26 -7.02 -27.99
C ALA B 134 -31.06 -5.64 -28.61
N GLY B 135 -31.27 -4.60 -27.81
CA GLY B 135 -31.16 -3.23 -28.27
C GLY B 135 -29.75 -2.75 -28.55
N LEU B 136 -28.75 -3.54 -28.14
CA LEU B 136 -27.35 -3.21 -28.38
C LEU B 136 -26.94 -3.52 -29.82
N LYS B 137 -25.97 -2.74 -30.32
CA LYS B 137 -25.33 -3.05 -31.60
C LYS B 137 -24.69 -4.43 -31.54
N GLY B 138 -25.03 -5.28 -32.50
CA GLY B 138 -24.43 -6.60 -32.60
C GLY B 138 -25.32 -7.67 -31.99
N PHE B 139 -26.29 -7.24 -31.19
CA PHE B 139 -27.27 -8.15 -30.62
C PHE B 139 -28.64 -7.82 -31.19
N GLY B 140 -29.46 -8.86 -31.37
CA GLY B 140 -30.84 -8.67 -31.75
C GLY B 140 -31.68 -9.59 -30.88
N ALA B 141 -32.97 -9.64 -31.15
CA ALA B 141 -33.88 -10.49 -30.38
C ALA B 141 -33.39 -11.93 -30.32
N LYS B 142 -32.90 -12.43 -31.45
CA LYS B 142 -32.50 -13.83 -31.55
C LYS B 142 -31.24 -14.17 -30.76
N SER B 143 -30.19 -13.36 -30.92
CA SER B 143 -28.97 -13.58 -30.17
C SER B 143 -29.16 -13.34 -28.67
N ALA B 144 -30.09 -12.44 -28.33
CA ALA B 144 -30.39 -12.15 -26.93
C ALA B 144 -31.05 -13.34 -26.23
N ALA B 145 -31.71 -14.20 -27.00
CA ALA B 145 -32.38 -15.37 -26.45
C ALA B 145 -31.40 -16.55 -26.38
N THR B 146 -30.45 -16.56 -27.30
CA THR B 146 -29.43 -17.59 -27.30
C THR B 146 -28.53 -17.38 -26.09
N ILE B 147 -28.16 -16.13 -25.85
CA ILE B 147 -27.33 -15.78 -24.71
C ILE B 147 -28.03 -16.10 -23.39
N LEU B 148 -29.33 -15.81 -23.33
CA LEU B 148 -30.11 -16.13 -22.14
C LEU B 148 -30.13 -17.63 -21.89
N GLU B 149 -30.22 -18.40 -22.97
CA GLU B 149 -30.15 -19.87 -22.88
C GLU B 149 -28.81 -20.30 -22.31
N ASN B 150 -27.74 -19.70 -22.81
CA ASN B 150 -26.39 -20.05 -22.35
C ASN B 150 -26.10 -19.64 -20.91
N VAL B 151 -26.74 -18.57 -20.46
CA VAL B 151 -26.61 -18.14 -19.06
C VAL B 151 -27.35 -19.11 -18.15
N VAL B 152 -28.52 -19.59 -18.62
CA VAL B 152 -29.26 -20.59 -17.87
C VAL B 152 -28.44 -21.85 -17.62
N PHE B 153 -27.56 -22.18 -18.56
CA PHE B 153 -26.68 -23.33 -18.39
C PHE B 153 -25.67 -23.11 -17.27
N LEU B 154 -25.08 -21.93 -17.23
CA LEU B 154 -24.11 -21.63 -16.19
C LEU B 154 -24.76 -21.77 -14.82
N PHE B 155 -25.97 -21.24 -14.68
CA PHE B 155 -26.70 -21.26 -13.41
C PHE B 155 -27.03 -22.67 -12.93
N GLU B 156 -27.46 -23.53 -13.85
CA GLU B 156 -27.86 -24.88 -13.49
C GLU B 156 -26.66 -25.75 -13.10
N ALA B 157 -25.49 -25.37 -13.57
CA ALA B 157 -24.25 -26.06 -13.21
C ALA B 157 -23.96 -25.90 -11.72
N ARG B 158 -23.94 -24.65 -11.26
CA ARG B 158 -23.72 -24.32 -9.86
C ARG B 158 -24.60 -25.14 -8.91
N GLN B 159 -24.04 -25.53 -7.78
CA GLN B 159 -24.83 -26.21 -6.76
C GLN B 159 -25.57 -25.19 -5.91
N ARG B 160 -24.95 -24.03 -5.76
CA ARG B 160 -25.55 -22.92 -5.02
C ARG B 160 -25.43 -21.64 -5.84
N GLN B 161 -26.41 -20.74 -5.67
CA GLN B 161 -26.46 -19.49 -6.44
C GLN B 161 -25.87 -18.34 -5.64
N SER B 162 -25.46 -17.29 -6.33
CA SER B 162 -24.98 -16.10 -5.66
C SER B 162 -26.15 -15.39 -5.01
N LEU B 163 -25.88 -14.61 -3.97
CA LEU B 163 -26.93 -13.83 -3.33
C LEU B 163 -27.63 -12.92 -4.34
N ARG B 164 -26.88 -12.45 -5.33
CA ARG B 164 -27.42 -11.52 -6.32
C ARG B 164 -28.51 -12.17 -7.16
N ALA B 165 -28.21 -13.32 -7.74
CA ALA B 165 -29.16 -14.07 -8.56
C ALA B 165 -30.40 -14.49 -7.77
N GLY B 166 -30.18 -15.07 -6.60
CA GLY B 166 -31.28 -15.52 -5.77
C GLY B 166 -32.20 -14.39 -5.35
N LEU B 167 -31.61 -13.26 -4.99
CA LEU B 167 -32.38 -12.10 -4.54
C LEU B 167 -33.14 -11.46 -5.70
N ALA B 168 -32.47 -11.33 -6.85
CA ALA B 168 -33.09 -10.77 -8.03
C ALA B 168 -34.30 -11.60 -8.46
N VAL B 169 -34.13 -12.92 -8.52
CA VAL B 169 -35.21 -13.80 -8.92
C VAL B 169 -36.38 -13.76 -7.93
N ALA B 170 -36.08 -13.79 -6.63
CA ALA B 170 -37.14 -13.70 -5.62
C ALA B 170 -37.88 -12.37 -5.74
N GLU B 171 -37.14 -11.28 -5.96
CA GLU B 171 -37.76 -9.97 -6.13
C GLU B 171 -38.67 -9.92 -7.36
N GLU B 172 -38.23 -10.57 -8.44
CA GLU B 172 -38.99 -10.60 -9.69
C GLU B 172 -40.27 -11.42 -9.57
N LEU B 173 -40.19 -12.58 -8.96
CA LEU B 173 -41.36 -13.45 -8.76
C LEU B 173 -42.37 -12.83 -7.80
N ALA B 174 -41.87 -12.08 -6.82
CA ALA B 174 -42.77 -11.38 -5.90
C ALA B 174 -43.67 -10.45 -6.70
N GLY B 175 -43.10 -9.86 -7.76
CA GLY B 175 -43.85 -8.98 -8.64
C GLY B 175 -45.12 -9.62 -9.18
N ALA B 176 -45.08 -10.93 -9.42
CA ALA B 176 -46.21 -11.65 -9.97
C ALA B 176 -47.17 -12.15 -8.89
N LEU B 177 -46.76 -12.01 -7.64
CA LEU B 177 -47.53 -12.51 -6.50
C LEU B 177 -47.98 -11.38 -5.58
N THR B 178 -48.16 -10.19 -6.14
CA THR B 178 -48.37 -8.99 -5.34
C THR B 178 -49.50 -9.08 -4.32
N ASP B 179 -50.66 -9.60 -4.72
CA ASP B 179 -51.81 -9.64 -3.81
C ASP B 179 -51.78 -10.77 -2.79
N LEU B 180 -50.72 -11.56 -2.82
CA LEU B 180 -50.51 -12.63 -1.83
C LEU B 180 -49.51 -12.17 -0.77
N SER B 181 -49.18 -10.88 -0.78
CA SER B 181 -48.24 -10.30 0.18
C SER B 181 -46.90 -11.01 0.25
N PRO B 182 -46.16 -11.04 -0.88
CA PRO B 182 -44.90 -11.78 -0.99
C PRO B 182 -43.85 -11.24 -0.02
N ALA B 183 -42.89 -12.10 0.35
CA ALA B 183 -41.79 -11.70 1.21
C ALA B 183 -40.62 -12.67 1.06
N PRO B 184 -39.40 -12.14 0.86
CA PRO B 184 -38.22 -13.00 0.77
C PRO B 184 -38.12 -13.91 1.99
N ALA B 185 -37.64 -15.13 1.79
CA ALA B 185 -37.51 -16.08 2.89
C ALA B 185 -36.18 -16.79 2.82
N GLY B 186 -35.92 -17.63 3.81
CA GLY B 186 -34.71 -18.43 3.85
C GLY B 186 -33.44 -17.65 3.60
N ASP B 187 -32.62 -18.18 2.68
CA ASP B 187 -31.26 -17.68 2.50
C ASP B 187 -31.18 -16.24 1.97
N VAL B 188 -32.03 -15.90 1.00
CA VAL B 188 -32.00 -14.54 0.45
C VAL B 188 -32.45 -13.51 1.49
N ARG B 189 -33.41 -13.87 2.33
CA ARG B 189 -33.95 -12.95 3.32
C ARG B 189 -32.93 -12.53 4.37
N ARG B 190 -32.00 -13.42 4.70
CA ARG B 190 -31.02 -13.11 5.74
C ARG B 190 -29.61 -12.88 5.19
N GLY B 191 -29.48 -12.89 3.87
CA GLY B 191 -28.27 -12.40 3.22
C GLY B 191 -27.13 -13.38 3.10
N LEU B 192 -27.44 -14.66 3.11
CA LEU B 192 -26.40 -15.67 2.96
C LEU B 192 -25.59 -15.37 1.70
N GLU B 193 -24.27 -15.24 1.87
CA GLU B 193 -23.39 -14.91 0.75
C GLU B 193 -23.62 -15.83 -0.43
N THR B 194 -24.00 -17.07 -0.13
CA THR B 194 -24.36 -18.04 -1.13
C THR B 194 -25.74 -18.61 -0.80
N VAL B 195 -26.52 -18.96 -1.82
CA VAL B 195 -27.95 -19.24 -1.63
C VAL B 195 -28.41 -20.52 -2.33
N ARG B 196 -29.14 -21.36 -1.60
CA ARG B 196 -29.62 -22.64 -2.14
C ARG B 196 -30.74 -22.45 -3.16
N ALA B 197 -31.55 -21.42 -2.98
CA ALA B 197 -32.66 -21.15 -3.89
C ALA B 197 -33.26 -19.76 -3.69
N ALA B 198 -34.02 -19.30 -4.68
CA ALA B 198 -34.82 -18.10 -4.51
C ALA B 198 -36.05 -18.49 -3.69
N GLU B 199 -36.03 -18.17 -2.40
CA GLU B 199 -37.11 -18.54 -1.50
C GLU B 199 -38.02 -17.35 -1.22
N LEU B 200 -39.33 -17.62 -1.29
CA LEU B 200 -40.34 -16.58 -1.11
C LEU B 200 -41.38 -17.10 -0.12
N THR B 201 -42.00 -16.19 0.61
CA THR B 201 -43.08 -16.55 1.50
C THR B 201 -44.34 -15.79 1.07
N VAL B 202 -45.50 -16.37 1.32
CA VAL B 202 -46.75 -15.91 0.70
C VAL B 202 -47.96 -16.37 1.51
N THR B 203 -49.01 -15.55 1.57
CA THR B 203 -50.27 -16.00 2.16
C THR B 203 -51.28 -16.34 1.07
N GLY B 204 -51.98 -17.46 1.25
CA GLY B 204 -52.89 -17.95 0.23
C GLY B 204 -52.71 -19.44 0.05
N THR B 205 -53.28 -19.98 -1.01
CA THR B 205 -53.23 -21.41 -1.26
C THR B 205 -52.37 -21.72 -2.49
N PRO B 206 -51.86 -22.95 -2.58
CA PRO B 206 -51.01 -23.37 -3.71
C PRO B 206 -51.68 -23.12 -5.07
N ASP B 207 -53.00 -22.95 -5.08
CA ASP B 207 -53.73 -22.64 -6.30
C ASP B 207 -53.63 -21.15 -6.64
N ASP B 208 -53.65 -20.31 -5.60
CA ASP B 208 -53.45 -18.88 -5.75
C ASP B 208 -52.11 -18.61 -6.43
N VAL B 209 -51.07 -19.30 -5.94
CA VAL B 209 -49.72 -19.17 -6.49
C VAL B 209 -49.63 -19.78 -7.88
N LEU B 210 -50.30 -20.91 -8.06
CA LEU B 210 -50.25 -21.65 -9.31
C LEU B 210 -50.95 -20.89 -10.45
N ALA B 211 -51.81 -19.96 -10.07
CA ALA B 211 -52.57 -19.17 -11.03
C ALA B 211 -51.77 -17.99 -11.58
N ARG B 212 -50.76 -17.54 -10.85
CA ARG B 212 -49.92 -16.43 -11.28
C ARG B 212 -48.56 -16.96 -11.76
N LEU B 213 -48.20 -18.13 -11.27
CA LEU B 213 -47.00 -18.82 -11.74
C LEU B 213 -47.34 -20.27 -12.05
N PRO B 214 -47.83 -20.53 -13.27
CA PRO B 214 -48.30 -21.86 -13.68
C PRO B 214 -47.16 -22.88 -13.75
N GLU B 215 -45.95 -22.38 -13.96
CA GLU B 215 -44.76 -23.23 -14.12
C GLU B 215 -44.55 -24.17 -12.95
N LEU B 216 -44.66 -23.63 -11.74
CA LEU B 216 -44.28 -24.33 -10.52
C LEU B 216 -44.99 -25.66 -10.32
N THR B 217 -44.46 -26.46 -9.39
CA THR B 217 -45.01 -27.77 -9.06
C THR B 217 -45.23 -27.87 -7.56
N VAL B 218 -46.42 -28.31 -7.17
CA VAL B 218 -46.76 -28.44 -5.76
C VAL B 218 -46.06 -29.63 -5.12
N GLN B 219 -45.39 -29.40 -3.98
CA GLN B 219 -44.78 -30.49 -3.23
C GLN B 219 -45.57 -30.75 -1.96
N GLY B 220 -46.76 -30.16 -1.89
CA GLY B 220 -47.58 -30.24 -0.70
C GLY B 220 -46.87 -29.60 0.49
N ASP B 221 -47.46 -29.74 1.67
CA ASP B 221 -46.94 -29.11 2.86
C ASP B 221 -47.04 -27.60 2.69
N GLY B 222 -47.91 -27.18 1.78
CA GLY B 222 -48.10 -25.77 1.49
C GLY B 222 -46.90 -25.13 0.81
N VAL B 223 -46.11 -25.94 0.11
CA VAL B 223 -44.92 -25.46 -0.58
C VAL B 223 -44.98 -25.80 -2.06
N LEU B 224 -44.50 -24.90 -2.90
CA LEU B 224 -44.34 -25.15 -4.33
C LEU B 224 -42.90 -24.90 -4.72
N SER B 225 -42.41 -25.62 -5.73
CA SER B 225 -41.03 -25.44 -6.18
C SER B 225 -40.91 -25.51 -7.69
N GLY B 226 -39.75 -25.13 -8.21
CA GLY B 226 -39.54 -25.08 -9.64
C GLY B 226 -38.17 -24.52 -9.98
N ASP B 227 -38.05 -23.98 -11.19
CA ASP B 227 -36.77 -23.49 -11.67
C ASP B 227 -37.03 -22.30 -12.60
N TYR B 228 -36.61 -21.11 -12.17
CA TYR B 228 -36.76 -19.93 -13.01
C TYR B 228 -35.44 -19.51 -13.64
N GLU B 229 -35.28 -19.83 -14.92
CA GLU B 229 -34.08 -19.48 -15.66
C GLU B 229 -32.82 -19.96 -14.95
N GLY B 230 -32.83 -21.22 -14.55
CA GLY B 230 -31.66 -21.85 -13.95
C GLY B 230 -31.59 -21.69 -12.45
N VAL B 231 -32.34 -20.73 -11.92
CA VAL B 231 -32.33 -20.46 -10.49
C VAL B 231 -33.46 -21.22 -9.78
N PRO B 232 -33.10 -22.17 -8.91
CA PRO B 232 -34.10 -22.95 -8.17
C PRO B 232 -35.00 -22.04 -7.35
N VAL B 233 -36.30 -22.38 -7.32
CA VAL B 233 -37.29 -21.53 -6.65
C VAL B 233 -38.15 -22.33 -5.69
N GLU B 234 -38.42 -21.75 -4.53
CA GLU B 234 -39.32 -22.35 -3.55
C GLU B 234 -40.27 -21.30 -3.01
N ILE B 235 -41.56 -21.59 -3.08
CA ILE B 235 -42.56 -20.70 -2.56
C ILE B 235 -43.42 -21.45 -1.55
N ALA B 236 -43.45 -20.95 -0.32
CA ALA B 236 -44.26 -21.56 0.73
C ALA B 236 -45.39 -20.63 1.08
N CYS B 237 -46.60 -21.18 1.19
CA CYS B 237 -47.77 -20.37 1.50
C CYS B 237 -48.50 -20.82 2.77
N ALA B 238 -49.41 -19.98 3.25
CA ALA B 238 -50.11 -20.25 4.49
C ALA B 238 -51.33 -19.34 4.59
N PRO B 239 -52.32 -19.74 5.41
CA PRO B 239 -53.47 -18.88 5.68
C PRO B 239 -52.99 -17.63 6.41
N ALA B 240 -53.71 -16.52 6.26
CA ALA B 240 -53.31 -15.27 6.89
C ALA B 240 -52.99 -15.43 8.38
N GLU B 241 -53.69 -16.36 9.05
CA GLU B 241 -53.54 -16.55 10.48
C GLU B 241 -52.31 -17.35 10.86
N ALA B 242 -51.70 -18.02 9.88
CA ALA B 242 -50.53 -18.85 10.14
C ALA B 242 -49.26 -18.22 9.57
N ARG B 243 -49.43 -17.17 8.78
CA ARG B 243 -48.30 -16.55 8.09
C ARG B 243 -47.12 -16.28 9.01
N GLY B 244 -47.39 -15.74 10.19
CA GLY B 244 -46.34 -15.45 11.16
C GLY B 244 -45.46 -16.65 11.49
N ALA B 245 -46.07 -17.83 11.61
CA ALA B 245 -45.35 -19.05 11.93
C ALA B 245 -44.59 -19.57 10.72
N LEU B 246 -45.23 -19.50 9.55
CA LEU B 246 -44.59 -19.88 8.31
C LEU B 246 -43.31 -19.06 8.12
N ASP B 247 -43.38 -17.78 8.44
CA ASP B 247 -42.24 -16.88 8.25
C ASP B 247 -41.07 -17.25 9.16
N LEU B 248 -41.37 -17.65 10.39
CA LEU B 248 -40.34 -18.10 11.31
C LEU B 248 -39.69 -19.40 10.83
N LEU B 249 -40.52 -20.38 10.48
CA LEU B 249 -40.01 -21.68 10.05
C LEU B 249 -39.19 -21.62 8.75
N ARG B 250 -39.54 -20.70 7.86
CA ARG B 250 -38.83 -20.57 6.59
C ARG B 250 -37.73 -19.52 6.65
N SER B 251 -37.03 -19.45 7.78
CA SER B 251 -35.98 -18.44 7.98
C SER B 251 -34.57 -18.80 7.49
N GLY B 252 -34.08 -20.02 7.73
CA GLY B 252 -34.82 -21.06 8.41
C GLY B 252 -33.97 -22.13 9.08
N GLU B 253 -33.67 -23.19 8.35
CA GLU B 253 -33.21 -24.47 8.93
C GLU B 253 -32.66 -24.43 10.36
N HIS B 254 -31.49 -23.84 10.56
CA HIS B 254 -30.92 -23.79 11.90
C HIS B 254 -31.86 -23.10 12.89
N PHE B 255 -32.34 -21.92 12.52
CA PHE B 255 -33.24 -21.16 13.39
C PHE B 255 -34.57 -21.87 13.60
N ALA B 256 -35.12 -22.42 12.52
CA ALA B 256 -36.38 -23.17 12.59
C ALA B 256 -36.33 -24.24 13.68
N GLY B 257 -35.27 -25.04 13.67
CA GLY B 257 -35.09 -26.06 14.69
C GLY B 257 -35.02 -25.44 16.08
N GLN B 258 -34.33 -24.31 16.18
CA GLN B 258 -34.20 -23.60 17.45
C GLN B 258 -35.55 -23.18 18.01
N VAL B 259 -36.37 -22.56 17.16
CA VAL B 259 -37.63 -21.97 17.60
C VAL B 259 -38.69 -23.03 17.87
N GLN B 260 -38.61 -24.16 17.18
CA GLN B 260 -39.49 -25.29 17.44
C GLN B 260 -39.15 -25.93 18.77
N ALA B 261 -37.85 -26.13 19.01
CA ALA B 261 -37.37 -26.63 20.29
C ALA B 261 -37.88 -25.75 21.41
N ALA B 262 -37.81 -24.44 21.20
CA ALA B 262 -38.27 -23.48 22.19
C ALA B 262 -39.77 -23.58 22.42
N ALA B 263 -40.50 -23.87 21.35
CA ALA B 263 -41.96 -23.97 21.45
C ALA B 263 -42.38 -25.23 22.21
N GLN B 264 -41.82 -26.37 21.82
CA GLN B 264 -42.14 -27.64 22.48
C GLN B 264 -41.77 -27.61 23.96
N ALA B 265 -40.67 -26.94 24.28
CA ALA B 265 -40.21 -26.85 25.66
C ALA B 265 -41.22 -26.09 26.53
N ARG B 266 -42.24 -25.53 25.89
CA ARG B 266 -43.21 -24.69 26.59
C ARG B 266 -44.64 -25.15 26.37
N GLY B 267 -44.80 -26.32 25.77
CA GLY B 267 -46.11 -26.93 25.63
C GLY B 267 -46.80 -26.62 24.32
N PHE B 268 -46.15 -25.84 23.46
CA PHE B 268 -46.71 -25.51 22.16
C PHE B 268 -46.18 -26.45 21.08
N THR B 269 -46.90 -26.52 19.96
CA THR B 269 -46.39 -27.19 18.76
C THR B 269 -46.36 -26.19 17.62
N LEU B 270 -45.16 -25.85 17.14
CA LEU B 270 -45.01 -24.87 16.07
C LEU B 270 -44.91 -25.58 14.72
N THR B 271 -45.80 -25.20 13.80
CA THR B 271 -45.86 -25.82 12.49
C THR B 271 -46.20 -24.76 11.44
N ALA B 272 -45.90 -25.05 10.17
CA ALA B 272 -46.28 -24.16 9.09
C ALA B 272 -47.78 -23.91 9.10
N GLY B 273 -48.52 -24.82 9.71
CA GLY B 273 -49.96 -24.71 9.83
C GLY B 273 -50.38 -23.76 10.94
N GLY B 274 -49.41 -23.38 11.78
CA GLY B 274 -49.67 -22.42 12.83
C GLY B 274 -49.12 -22.82 14.19
N LEU B 275 -49.42 -22.00 15.20
CA LEU B 275 -49.01 -22.26 16.56
C LEU B 275 -50.17 -22.85 17.34
N SER B 276 -49.93 -23.97 18.03
CA SER B 276 -50.99 -24.64 18.78
C SER B 276 -50.57 -25.00 20.20
N ARG B 277 -51.54 -25.48 20.99
CA ARG B 277 -51.31 -25.88 22.37
C ARG B 277 -52.40 -26.85 22.80
N GLY B 278 -52.22 -28.12 22.47
CA GLY B 278 -53.26 -29.12 22.70
C GLY B 278 -54.46 -28.80 21.84
N ASP B 279 -55.57 -28.45 22.48
CA ASP B 279 -56.76 -27.99 21.76
C ASP B 279 -56.49 -26.62 21.13
N GLU B 280 -55.82 -25.78 21.89
CA GLU B 280 -55.63 -24.38 21.53
C GLU B 280 -54.96 -24.17 20.17
N VAL B 281 -55.57 -23.33 19.34
CA VAL B 281 -54.94 -22.85 18.13
C VAL B 281 -54.85 -21.33 18.20
N LEU B 282 -53.67 -20.83 18.56
CA LEU B 282 -53.46 -19.40 18.68
C LEU B 282 -53.22 -18.73 17.32
N PRO B 283 -53.96 -17.65 17.04
CA PRO B 283 -53.78 -16.89 15.79
C PRO B 283 -52.37 -16.34 15.69
N THR B 284 -51.72 -16.55 14.55
CA THR B 284 -50.34 -16.14 14.37
C THR B 284 -50.17 -15.39 13.05
N PRO B 285 -50.58 -14.11 13.01
CA PRO B 285 -50.55 -13.29 11.79
C PRO B 285 -49.16 -12.77 11.47
N THR B 286 -48.35 -12.56 12.50
CA THR B 286 -47.03 -11.97 12.35
C THR B 286 -46.00 -12.70 13.20
N GLU B 287 -44.74 -12.68 12.76
CA GLU B 287 -43.65 -13.24 13.55
C GLU B 287 -43.71 -12.74 14.99
N ALA B 288 -43.84 -11.43 15.16
CA ALA B 288 -43.86 -10.81 16.46
C ALA B 288 -44.84 -11.48 17.42
N VAL B 289 -45.98 -11.91 16.89
CA VAL B 289 -47.02 -12.54 17.69
C VAL B 289 -46.56 -13.88 18.26
N VAL B 290 -45.85 -14.66 17.46
CA VAL B 290 -45.33 -15.95 17.89
C VAL B 290 -44.35 -15.79 19.04
N PHE B 291 -43.46 -14.81 18.93
CA PHE B 291 -42.50 -14.53 19.99
C PHE B 291 -43.23 -14.14 21.28
N HIS B 292 -44.23 -13.29 21.18
CA HIS B 292 -45.02 -12.88 22.34
C HIS B 292 -45.67 -14.09 23.01
N ALA B 293 -46.18 -15.01 22.20
CA ALA B 293 -46.88 -16.18 22.70
C ALA B 293 -45.95 -17.14 23.44
N LEU B 294 -44.68 -17.15 23.07
CA LEU B 294 -43.71 -18.02 23.71
C LEU B 294 -42.93 -17.27 24.78
N ASP B 295 -43.36 -16.04 25.06
CA ASP B 295 -42.64 -15.16 25.98
C ASP B 295 -41.15 -15.08 25.66
N LEU B 296 -40.86 -14.85 24.38
CA LEU B 296 -39.48 -14.73 23.91
C LEU B 296 -39.22 -13.34 23.36
N PRO B 297 -37.97 -12.86 23.50
CA PRO B 297 -37.54 -11.59 22.90
C PRO B 297 -37.48 -11.74 21.38
N PHE B 298 -37.95 -10.74 20.65
CA PHE B 298 -37.92 -10.78 19.19
C PHE B 298 -36.48 -10.86 18.71
N ARG B 299 -36.22 -11.82 17.83
CA ARG B 299 -34.88 -12.03 17.27
C ARG B 299 -34.87 -11.67 15.79
N PRO B 300 -34.27 -10.53 15.44
CA PRO B 300 -34.24 -10.00 14.07
C PRO B 300 -33.65 -11.01 13.08
N ALA B 301 -34.19 -11.05 11.86
CA ALA B 301 -33.73 -12.00 10.85
C ALA B 301 -32.23 -11.90 10.60
N GLU B 302 -31.68 -10.71 10.84
CA GLU B 302 -30.25 -10.49 10.64
C GLU B 302 -29.41 -11.35 11.58
N TYR B 303 -30.00 -11.72 12.73
CA TYR B 303 -29.27 -12.41 13.79
C TYR B 303 -29.66 -13.88 13.96
N ARG B 304 -30.20 -14.49 12.91
CA ARG B 304 -30.68 -15.86 13.02
C ARG B 304 -29.72 -16.91 12.46
N GLU B 305 -28.42 -16.61 12.48
CA GLU B 305 -27.41 -17.57 12.06
C GLU B 305 -26.89 -18.29 13.31
N PRO B 306 -26.29 -19.47 13.12
CA PRO B 306 -25.70 -20.19 14.25
C PRO B 306 -24.71 -19.34 15.05
N GLU B 307 -23.85 -18.60 14.36
CA GLU B 307 -22.81 -17.80 15.02
C GLU B 307 -23.40 -16.74 15.96
N HIS B 308 -24.69 -16.50 15.84
CA HIS B 308 -25.37 -15.47 16.64
C HIS B 308 -26.00 -16.04 17.91
N ASP B 309 -26.12 -17.37 17.99
CA ASP B 309 -26.87 -18.00 19.08
C ASP B 309 -26.60 -17.46 20.48
N ASP B 310 -25.34 -17.20 20.78
CA ASP B 310 -24.96 -16.75 22.12
C ASP B 310 -24.63 -15.26 22.18
N LEU B 311 -24.59 -14.60 21.03
CA LEU B 311 -24.16 -13.20 20.96
C LEU B 311 -25.30 -12.22 20.75
N TRP B 312 -26.37 -12.70 20.12
CA TRP B 312 -27.33 -11.81 19.45
C TRP B 312 -28.00 -10.78 20.35
N GLN B 313 -28.05 -11.05 21.65
CA GLN B 313 -28.68 -10.11 22.56
C GLN B 313 -27.69 -9.01 22.98
N THR B 314 -26.44 -9.19 22.58
CA THR B 314 -25.39 -8.20 22.80
C THR B 314 -25.38 -7.17 21.67
N LEU B 315 -25.96 -7.55 20.53
CA LEU B 315 -25.88 -6.74 19.32
C LEU B 315 -26.98 -5.68 19.26
N PRO B 316 -26.74 -4.61 18.48
CA PRO B 316 -27.65 -3.47 18.37
C PRO B 316 -29.04 -3.86 17.84
N ASP B 317 -30.03 -3.04 18.18
CA ASP B 317 -31.37 -3.18 17.62
C ASP B 317 -31.27 -2.90 16.13
N PRO B 318 -32.04 -3.64 15.33
CA PRO B 318 -31.99 -3.49 13.87
C PRO B 318 -32.08 -2.03 13.43
N ALA B 319 -32.88 -1.23 14.13
CA ALA B 319 -33.08 0.17 13.78
C ALA B 319 -31.83 1.03 13.99
N GLU B 320 -30.81 0.46 14.62
CA GLU B 320 -29.56 1.17 14.86
C GLU B 320 -28.50 0.80 13.83
N LEU B 321 -28.72 -0.31 13.13
CA LEU B 321 -27.71 -0.85 12.22
C LEU B 321 -27.60 -0.05 10.92
N VAL B 322 -26.45 -0.15 10.27
CA VAL B 322 -26.20 0.57 9.03
C VAL B 322 -27.19 0.20 7.94
N THR B 323 -27.51 1.17 7.08
CA THR B 323 -28.36 0.92 5.92
C THR B 323 -27.71 1.52 4.69
N VAL B 324 -28.21 1.16 3.50
CA VAL B 324 -27.69 1.71 2.25
C VAL B 324 -27.75 3.23 2.25
N GLY B 325 -28.74 3.79 2.94
CA GLY B 325 -28.91 5.23 3.01
C GLY B 325 -27.88 5.93 3.89
N ASP B 326 -27.20 5.16 4.74
CA ASP B 326 -26.18 5.72 5.63
C ASP B 326 -24.84 5.84 4.93
N LEU B 327 -24.78 5.37 3.69
CA LEU B 327 -23.53 5.38 2.94
C LEU B 327 -23.41 6.66 2.12
N ARG B 328 -22.94 7.73 2.76
CA ARG B 328 -22.76 8.99 2.07
C ARG B 328 -21.65 8.90 1.03
N GLY B 329 -20.55 8.26 1.40
CA GLY B 329 -19.40 8.16 0.53
C GLY B 329 -19.31 6.80 -0.15
N MET B 330 -19.33 6.80 -1.47
CA MET B 330 -19.19 5.57 -2.24
C MET B 330 -17.78 5.41 -2.79
N ILE B 331 -16.89 4.82 -1.99
CA ILE B 331 -15.48 4.77 -2.36
C ILE B 331 -15.09 3.41 -2.95
N HIS B 332 -13.88 3.36 -3.49
CA HIS B 332 -13.38 2.20 -4.20
C HIS B 332 -14.28 1.82 -5.38
N THR B 333 -14.29 2.69 -6.39
CA THR B 333 -15.02 2.44 -7.63
C THR B 333 -14.03 2.48 -8.79
N HIS B 334 -14.38 1.84 -9.90
CA HIS B 334 -13.50 1.83 -11.06
C HIS B 334 -14.11 2.54 -12.26
N SER B 335 -13.26 3.08 -13.12
CA SER B 335 -13.69 3.85 -14.27
C SER B 335 -13.02 3.34 -15.54
N THR B 336 -13.32 3.99 -16.66
CA THR B 336 -12.72 3.68 -17.95
C THR B 336 -11.19 3.76 -17.93
N TRP B 337 -10.64 4.59 -17.04
CA TRP B 337 -9.19 4.69 -16.87
C TRP B 337 -8.55 3.35 -16.59
N SER B 338 -9.27 2.49 -15.88
CA SER B 338 -8.77 1.18 -15.49
C SER B 338 -9.51 0.08 -16.26
N ASP B 339 -10.23 -0.76 -15.54
CA ASP B 339 -11.02 -1.81 -16.17
C ASP B 339 -12.52 -1.60 -15.91
N GLY B 340 -12.92 -0.36 -15.71
CA GLY B 340 -14.33 -0.02 -15.56
C GLY B 340 -14.97 0.20 -16.92
N GLY B 341 -16.29 0.40 -16.92
CA GLY B 341 -17.03 0.56 -18.15
C GLY B 341 -17.63 1.94 -18.36
N ALA B 342 -17.43 2.82 -17.39
CA ALA B 342 -17.97 4.18 -17.47
C ALA B 342 -16.92 5.21 -17.10
N SER B 343 -17.13 6.45 -17.54
CA SER B 343 -16.24 7.54 -17.19
C SER B 343 -16.44 7.90 -15.73
N ILE B 344 -15.50 8.67 -15.17
CA ILE B 344 -15.61 9.14 -13.80
C ILE B 344 -16.85 10.02 -13.60
N ARG B 345 -17.21 10.79 -14.64
CA ARG B 345 -18.38 11.65 -14.55
C ARG B 345 -19.67 10.84 -14.47
N GLU B 346 -19.82 9.84 -15.33
CA GLU B 346 -20.98 8.96 -15.29
C GLU B 346 -21.12 8.30 -13.92
N MET B 347 -20.01 7.81 -13.38
CA MET B 347 -20.02 7.18 -12.06
C MET B 347 -20.40 8.17 -10.97
N ALA B 348 -19.83 9.36 -10.99
CA ALA B 348 -20.17 10.39 -10.00
C ALA B 348 -21.64 10.78 -10.07
N GLU B 349 -22.12 11.09 -11.27
CA GLU B 349 -23.55 11.35 -11.49
C GLU B 349 -24.40 10.20 -10.96
N ALA B 350 -23.95 8.98 -11.20
CA ALA B 350 -24.68 7.79 -10.75
C ALA B 350 -24.80 7.73 -9.23
N THR B 351 -23.73 8.02 -8.51
CA THR B 351 -23.78 7.92 -7.05
C THR B 351 -24.66 9.01 -6.45
N LEU B 352 -24.86 10.09 -7.19
CA LEU B 352 -25.72 11.18 -6.75
C LEU B 352 -27.21 10.85 -6.94
N THR B 353 -27.56 10.25 -8.07
CA THR B 353 -28.96 9.92 -8.33
C THR B 353 -29.41 8.68 -7.56
N LEU B 354 -28.45 7.99 -6.92
CA LEU B 354 -28.77 6.86 -6.06
C LEU B 354 -28.96 7.32 -4.61
N GLY B 355 -28.62 8.58 -4.36
CA GLY B 355 -28.90 9.20 -3.07
C GLY B 355 -27.69 9.37 -2.16
N HIS B 356 -26.49 9.19 -2.71
CA HIS B 356 -25.28 9.31 -1.91
C HIS B 356 -24.67 10.70 -2.06
N GLU B 357 -23.57 10.95 -1.35
CA GLU B 357 -23.00 12.29 -1.27
C GLU B 357 -21.78 12.50 -2.15
N PHE B 358 -20.84 11.56 -2.13
CA PHE B 358 -19.62 11.72 -2.94
C PHE B 358 -19.05 10.40 -3.47
N LEU B 359 -18.23 10.49 -4.51
CA LEU B 359 -17.66 9.32 -5.16
C LEU B 359 -16.17 9.17 -4.82
N GLY B 360 -15.78 7.94 -4.52
CA GLY B 360 -14.39 7.62 -4.28
C GLY B 360 -13.76 6.89 -5.45
N THR B 361 -12.88 7.59 -6.15
CA THR B 361 -12.12 7.03 -7.27
C THR B 361 -11.10 6.03 -6.74
N ALA B 362 -10.85 4.96 -7.50
CA ALA B 362 -9.89 3.95 -7.07
C ALA B 362 -9.57 2.93 -8.16
N ASP B 363 -8.96 3.38 -9.25
CA ASP B 363 -8.58 2.49 -10.34
C ASP B 363 -7.29 1.73 -10.00
N HIS B 364 -7.03 0.63 -10.71
CA HIS B 364 -5.86 -0.19 -10.43
C HIS B 364 -4.57 0.55 -10.80
N SER B 365 -3.45 -0.04 -10.40
CA SER B 365 -2.14 0.56 -10.64
C SER B 365 -1.28 -0.30 -11.57
N ARG B 366 -0.19 0.29 -12.07
CA ARG B 366 0.83 -0.41 -12.83
C ARG B 366 0.67 -1.93 -12.90
N ALA B 367 0.95 -2.59 -11.79
CA ALA B 367 1.10 -4.05 -11.75
C ALA B 367 -0.08 -4.82 -12.34
N ALA B 368 -1.29 -4.34 -12.13
CA ALA B 368 -2.48 -4.98 -12.67
C ALA B 368 -2.53 -4.76 -14.18
N TYR B 369 -1.71 -5.52 -14.90
CA TYR B 369 -1.54 -5.33 -16.33
C TYR B 369 -2.76 -5.72 -17.15
N TYR B 370 -3.41 -6.81 -16.78
CA TYR B 370 -4.55 -7.31 -17.55
C TYR B 370 -5.84 -6.59 -17.19
N ALA B 371 -5.75 -5.64 -16.26
CA ALA B 371 -6.90 -4.85 -15.85
C ALA B 371 -6.68 -3.38 -16.19
N ASN B 372 -5.74 -3.12 -17.10
CA ASN B 372 -5.47 -1.77 -17.59
C ASN B 372 -5.06 -0.81 -16.50
N GLY B 373 -4.17 -1.26 -15.62
CA GLY B 373 -3.72 -0.46 -14.49
C GLY B 373 -3.05 0.83 -14.92
N LEU B 374 -3.05 1.82 -14.03
CA LEU B 374 -2.49 3.13 -14.35
C LEU B 374 -1.01 3.25 -14.01
N THR B 375 -0.21 3.62 -15.01
CA THR B 375 1.17 4.05 -14.78
C THR B 375 1.13 5.34 -13.98
N ILE B 376 2.29 5.78 -13.50
CA ILE B 376 2.36 7.02 -12.74
C ILE B 376 1.86 8.20 -13.58
N GLU B 377 2.30 8.23 -14.83
CA GLU B 377 1.95 9.31 -15.75
C GLU B 377 0.45 9.36 -16.07
N ARG B 378 -0.15 8.19 -16.28
CA ARG B 378 -1.60 8.13 -16.51
C ARG B 378 -2.40 8.52 -15.26
N LEU B 379 -1.87 8.18 -14.09
CA LEU B 379 -2.49 8.59 -12.84
C LEU B 379 -2.50 10.11 -12.70
N ARG B 380 -1.42 10.75 -13.11
CA ARG B 380 -1.36 12.20 -13.05
C ARG B 380 -2.39 12.81 -13.98
N GLU B 381 -2.58 12.19 -15.14
CA GLU B 381 -3.62 12.62 -16.08
C GLU B 381 -5.03 12.43 -15.51
N GLN B 382 -5.25 11.34 -14.79
CA GLN B 382 -6.55 11.12 -14.15
C GLN B 382 -6.83 12.21 -13.12
N LEU B 383 -5.81 12.55 -12.34
CA LEU B 383 -5.95 13.56 -11.31
C LEU B 383 -6.30 14.94 -11.89
N LYS B 384 -5.75 15.26 -13.04
CA LYS B 384 -6.12 16.50 -13.74
C LYS B 384 -7.60 16.48 -14.11
N GLU B 385 -8.06 15.36 -14.66
CA GLU B 385 -9.47 15.21 -15.01
C GLU B 385 -10.37 15.35 -13.78
N ILE B 386 -9.95 14.75 -12.67
CA ILE B 386 -10.76 14.82 -11.45
C ILE B 386 -10.88 16.25 -10.95
N ARG B 387 -9.79 17.00 -11.03
CA ARG B 387 -9.81 18.42 -10.64
C ARG B 387 -10.83 19.20 -11.47
N GLU B 388 -10.89 18.93 -12.77
CA GLU B 388 -11.86 19.57 -13.65
C GLU B 388 -13.31 19.28 -13.25
N LEU B 389 -13.62 18.00 -13.07
CA LEU B 389 -14.95 17.59 -12.62
C LEU B 389 -15.33 18.25 -11.30
N GLN B 390 -14.34 18.44 -10.42
CA GLN B 390 -14.57 19.11 -9.15
C GLN B 390 -14.91 20.59 -9.33
N ARG B 391 -14.20 21.26 -10.23
CA ARG B 391 -14.51 22.65 -10.55
C ARG B 391 -15.96 22.74 -11.00
N ALA B 392 -16.39 21.76 -11.79
CA ALA B 392 -17.75 21.72 -12.32
C ALA B 392 -18.78 21.34 -11.26
N GLY B 393 -18.33 21.14 -10.04
CA GLY B 393 -19.23 20.90 -8.92
C GLY B 393 -19.52 19.45 -8.58
N LEU B 394 -18.72 18.53 -9.10
CA LEU B 394 -18.90 17.11 -8.77
C LEU B 394 -18.11 16.71 -7.51
N PRO B 395 -18.81 16.06 -6.56
CA PRO B 395 -18.22 15.66 -5.28
C PRO B 395 -17.38 14.39 -5.42
N ILE B 396 -16.07 14.55 -5.59
CA ILE B 396 -15.17 13.43 -5.80
C ILE B 396 -13.95 13.46 -4.87
N VAL B 397 -13.50 12.28 -4.46
CA VAL B 397 -12.29 12.12 -3.69
C VAL B 397 -11.37 11.18 -4.47
N ALA B 398 -10.14 11.62 -4.72
CA ALA B 398 -9.24 10.87 -5.59
C ALA B 398 -8.48 9.79 -4.84
N GLY B 399 -8.59 8.56 -5.33
CA GLY B 399 -7.87 7.44 -4.74
C GLY B 399 -7.26 6.54 -5.77
N SER B 400 -6.71 5.43 -5.30
CA SER B 400 -6.16 4.41 -6.18
C SER B 400 -6.17 3.07 -5.46
N GLU B 401 -6.38 1.99 -6.21
CA GLU B 401 -6.27 0.67 -5.62
C GLU B 401 -4.88 0.15 -5.91
N VAL B 402 -3.98 0.38 -4.96
CA VAL B 402 -2.57 0.07 -5.13
C VAL B 402 -2.32 -1.41 -4.89
N ASP B 403 -1.71 -2.07 -5.86
CA ASP B 403 -1.41 -3.49 -5.77
C ASP B 403 -0.30 -3.70 -4.75
N ILE B 404 -0.43 -4.76 -3.96
CA ILE B 404 0.61 -5.15 -3.00
C ILE B 404 1.56 -6.13 -3.65
N LEU B 405 2.79 -5.70 -3.93
CA LEU B 405 3.79 -6.57 -4.54
C LEU B 405 4.04 -7.78 -3.64
N ASP B 406 4.59 -8.84 -4.20
CA ASP B 406 4.66 -10.12 -3.48
C ASP B 406 5.51 -10.07 -2.20
N ASP B 407 6.28 -9.00 -2.02
CA ASP B 407 7.12 -8.87 -0.83
C ASP B 407 6.51 -7.98 0.25
N GLY B 408 5.35 -7.38 -0.05
CA GLY B 408 4.66 -6.54 0.90
C GLY B 408 4.72 -5.06 0.59
N SER B 409 5.55 -4.69 -0.38
CA SER B 409 5.70 -3.30 -0.77
C SER B 409 4.57 -2.88 -1.70
N LEU B 410 4.41 -1.58 -1.89
CA LEU B 410 3.29 -1.04 -2.67
C LEU B 410 3.68 -0.67 -4.11
N ASP B 411 2.71 -0.76 -5.01
CA ASP B 411 2.95 -0.60 -6.45
C ASP B 411 3.34 0.83 -6.85
N PHE B 412 2.93 1.82 -6.05
CA PHE B 412 3.30 3.22 -6.31
C PHE B 412 4.31 3.72 -5.29
N PRO B 413 5.21 4.64 -5.71
CA PRO B 413 6.16 5.27 -4.78
C PRO B 413 5.43 6.13 -3.76
N ASP B 414 6.05 6.38 -2.60
CA ASP B 414 5.42 7.17 -1.54
C ASP B 414 4.99 8.57 -1.97
N ASP B 415 5.80 9.21 -2.80
CA ASP B 415 5.49 10.57 -3.24
C ASP B 415 4.24 10.59 -4.11
N VAL B 416 4.04 9.54 -4.89
CA VAL B 416 2.84 9.42 -5.73
C VAL B 416 1.60 9.16 -4.87
N LEU B 417 1.74 8.28 -3.89
CA LEU B 417 0.66 7.99 -2.96
C LEU B 417 0.27 9.24 -2.17
N GLY B 418 1.21 10.18 -2.08
CA GLY B 418 0.99 11.42 -1.34
C GLY B 418 0.07 12.42 -2.02
N GLU B 419 -0.12 12.26 -3.33
CA GLU B 419 -1.01 13.13 -4.11
C GLU B 419 -2.47 12.74 -3.93
N LEU B 420 -2.71 11.53 -3.45
CA LEU B 420 -4.05 10.98 -3.38
C LEU B 420 -4.78 11.41 -2.11
N ASP B 421 -6.10 11.45 -2.18
CA ASP B 421 -6.92 11.77 -1.02
C ASP B 421 -7.04 10.56 -0.11
N TYR B 422 -6.98 9.38 -0.71
CA TYR B 422 -7.00 8.13 0.05
C TYR B 422 -6.43 6.97 -0.77
N VAL B 423 -5.88 5.98 -0.09
CA VAL B 423 -5.23 4.85 -0.73
C VAL B 423 -5.86 3.52 -0.29
N VAL B 424 -6.27 2.71 -1.27
CA VAL B 424 -6.71 1.34 -1.00
C VAL B 424 -5.58 0.40 -1.38
N VAL B 425 -5.30 -0.59 -0.54
CA VAL B 425 -4.33 -1.62 -0.89
C VAL B 425 -4.99 -2.99 -1.04
N SER B 426 -4.51 -3.78 -2.00
CA SER B 426 -5.16 -5.05 -2.33
C SER B 426 -4.19 -6.03 -2.96
N VAL B 427 -4.48 -7.32 -2.81
CA VAL B 427 -3.74 -8.36 -3.49
C VAL B 427 -4.45 -8.74 -4.79
N HIS B 428 -3.70 -8.78 -5.88
CA HIS B 428 -4.24 -9.17 -7.19
C HIS B 428 -3.27 -10.10 -7.92
N SER B 429 -2.29 -10.60 -7.18
CA SER B 429 -1.25 -11.46 -7.73
C SER B 429 -0.71 -12.36 -6.64
N ASN B 430 -0.06 -13.46 -7.03
CA ASN B 430 0.58 -14.37 -6.08
C ASN B 430 -0.38 -14.95 -5.04
N PHE B 431 -1.37 -15.68 -5.50
CA PHE B 431 -2.37 -16.25 -4.59
C PHE B 431 -1.88 -17.55 -3.95
N THR B 432 -0.73 -18.05 -4.41
CA THR B 432 -0.27 -19.35 -3.95
C THR B 432 0.97 -19.31 -3.06
N LEU B 433 1.35 -18.11 -2.62
CA LEU B 433 2.39 -17.99 -1.60
C LEU B 433 1.98 -18.80 -0.37
N ASP B 434 2.96 -19.37 0.33
CA ASP B 434 2.67 -20.08 1.58
C ASP B 434 2.07 -19.12 2.61
N ALA B 435 1.32 -19.68 3.56
CA ALA B 435 0.62 -18.88 4.56
C ALA B 435 1.50 -17.83 5.24
N ALA B 436 2.67 -18.24 5.72
CA ALA B 436 3.54 -17.34 6.47
C ALA B 436 4.09 -16.18 5.63
N ARG B 437 4.41 -16.45 4.37
CA ARG B 437 4.84 -15.41 3.45
C ARG B 437 3.71 -14.45 3.10
N GLN B 438 2.50 -15.00 2.95
CA GLN B 438 1.33 -14.20 2.59
C GLN B 438 0.93 -13.27 3.73
N THR B 439 0.96 -13.79 4.94
CA THR B 439 0.63 -13.01 6.13
C THR B 439 1.60 -11.85 6.31
N GLU B 440 2.89 -12.13 6.19
CA GLU B 440 3.91 -11.09 6.31
C GLU B 440 3.69 -10.01 5.25
N ARG B 441 3.29 -10.44 4.07
CA ARG B 441 3.05 -9.53 2.95
C ARG B 441 1.97 -8.51 3.28
N LEU B 442 0.85 -9.00 3.80
CA LEU B 442 -0.30 -8.14 4.09
C LEU B 442 -0.09 -7.27 5.34
N ILE B 443 0.58 -7.82 6.34
CA ILE B 443 0.93 -7.04 7.53
C ILE B 443 1.79 -5.85 7.14
N ARG B 444 2.75 -6.09 6.27
CA ARG B 444 3.63 -5.05 5.75
C ARG B 444 2.84 -3.96 5.03
N ALA B 445 1.88 -4.37 4.20
CA ALA B 445 1.10 -3.41 3.41
C ALA B 445 0.13 -2.58 4.26
N VAL B 446 -0.54 -3.20 5.22
CA VAL B 446 -1.48 -2.46 6.06
C VAL B 446 -0.77 -1.63 7.13
N SER B 447 0.55 -1.77 7.21
CA SER B 447 1.36 -1.02 8.17
C SER B 447 1.93 0.24 7.56
N HIS B 448 1.69 0.44 6.27
CA HIS B 448 2.22 1.60 5.56
C HIS B 448 1.62 2.86 6.16
N PRO B 449 2.40 3.94 6.22
CA PRO B 449 1.93 5.22 6.79
C PRO B 449 0.79 5.87 6.00
N LEU B 450 0.72 5.62 4.69
CA LEU B 450 -0.25 6.31 3.83
C LEU B 450 -1.50 5.49 3.50
N VAL B 451 -1.48 4.20 3.80
CA VAL B 451 -2.61 3.32 3.50
C VAL B 451 -3.83 3.66 4.35
N THR B 452 -4.99 3.75 3.72
CA THR B 452 -6.21 4.03 4.47
C THR B 452 -7.17 2.84 4.56
N VAL B 453 -7.29 2.06 3.49
CA VAL B 453 -8.20 0.92 3.48
C VAL B 453 -7.56 -0.34 2.92
N LEU B 454 -7.83 -1.47 3.57
CA LEU B 454 -7.44 -2.78 3.03
C LEU B 454 -8.58 -3.36 2.19
N GLY B 455 -8.35 -3.54 0.89
CA GLY B 455 -9.36 -4.07 0.00
C GLY B 455 -9.56 -5.57 0.16
N HIS B 456 -10.78 -6.05 -0.13
CA HIS B 456 -11.16 -7.47 -0.01
C HIS B 456 -10.08 -8.36 0.59
N ALA B 457 -9.97 -8.34 1.91
CA ALA B 457 -8.85 -8.97 2.63
C ALA B 457 -8.38 -10.33 2.11
N THR B 458 -9.34 -11.20 1.81
CA THR B 458 -9.06 -12.62 1.59
C THR B 458 -8.85 -13.03 0.12
N GLY B 459 -9.31 -12.20 -0.81
CA GLY B 459 -9.18 -12.51 -2.22
C GLY B 459 -10.14 -13.58 -2.71
N ARG B 460 -11.02 -14.04 -1.83
CA ARG B 460 -12.02 -15.05 -2.16
C ARG B 460 -12.95 -14.59 -3.29
N LEU B 461 -13.42 -15.53 -4.10
CA LEU B 461 -14.46 -15.27 -5.09
C LEU B 461 -15.53 -16.35 -4.99
N LEU B 462 -16.69 -16.00 -4.44
CA LEU B 462 -17.76 -16.98 -4.22
C LEU B 462 -18.08 -17.79 -5.48
N LEU B 463 -18.09 -19.11 -5.32
CA LEU B 463 -18.46 -20.05 -6.40
C LEU B 463 -17.40 -20.21 -7.48
N ARG B 464 -16.21 -19.68 -7.25
CA ARG B 464 -15.13 -19.77 -8.23
C ARG B 464 -13.80 -20.24 -7.63
N ARG B 465 -13.33 -19.54 -6.60
CA ARG B 465 -12.09 -19.91 -5.92
C ARG B 465 -12.11 -19.44 -4.47
N PRO B 466 -11.60 -20.27 -3.56
CA PRO B 466 -11.41 -19.84 -2.17
C PRO B 466 -10.34 -18.75 -2.09
N GLY B 467 -10.24 -18.09 -0.94
CA GLY B 467 -9.23 -17.07 -0.74
C GLY B 467 -7.85 -17.70 -0.58
N TYR B 468 -6.80 -16.89 -0.64
CA TYR B 468 -5.46 -17.40 -0.41
C TYR B 468 -5.28 -17.78 1.05
N ALA B 469 -4.33 -18.67 1.30
CA ALA B 469 -4.01 -19.10 2.66
C ALA B 469 -3.24 -18.01 3.42
N LEU B 470 -3.85 -17.49 4.48
CA LEU B 470 -3.18 -16.53 5.35
C LEU B 470 -3.75 -16.60 6.77
N ASP B 471 -3.08 -15.91 7.69
CA ASP B 471 -3.53 -15.81 9.07
C ASP B 471 -4.29 -14.51 9.27
N LEU B 472 -5.60 -14.55 9.03
CA LEU B 472 -6.42 -13.33 9.02
C LEU B 472 -6.27 -12.53 10.32
N ASP B 473 -6.30 -13.22 11.46
CA ASP B 473 -6.23 -12.54 12.75
C ASP B 473 -4.96 -11.71 12.93
N ALA B 474 -3.83 -12.25 12.48
CA ALA B 474 -2.58 -11.50 12.51
C ALA B 474 -2.68 -10.24 11.64
N VAL B 475 -3.22 -10.39 10.43
CA VAL B 475 -3.36 -9.26 9.53
C VAL B 475 -4.29 -8.20 10.09
N LEU B 476 -5.45 -8.63 10.59
CA LEU B 476 -6.43 -7.70 11.18
C LEU B 476 -5.85 -6.98 12.38
N GLY B 477 -5.03 -7.69 13.16
CA GLY B 477 -4.33 -7.09 14.28
C GLY B 477 -3.43 -5.96 13.80
N ALA B 478 -2.74 -6.19 12.69
CA ALA B 478 -1.88 -5.17 12.10
C ALA B 478 -2.68 -3.97 11.63
N CYS B 479 -3.92 -4.21 11.19
CA CYS B 479 -4.82 -3.13 10.78
C CYS B 479 -5.18 -2.28 11.99
N GLU B 480 -5.53 -2.96 13.09
CA GLU B 480 -5.92 -2.28 14.31
C GLU B 480 -4.77 -1.41 14.81
N ALA B 481 -3.56 -1.95 14.76
CA ALA B 481 -2.38 -1.26 15.28
C ALA B 481 -2.02 -0.03 14.45
N ASN B 482 -2.42 -0.03 13.18
CA ASN B 482 -2.13 1.10 12.30
C ASN B 482 -3.36 1.93 12.00
N GLY B 483 -4.48 1.56 12.60
CA GLY B 483 -5.72 2.29 12.40
C GLY B 483 -6.19 2.28 10.96
N THR B 484 -5.73 1.31 10.19
CA THR B 484 -6.19 1.17 8.82
C THR B 484 -7.55 0.46 8.79
N VAL B 485 -8.50 1.03 8.06
CA VAL B 485 -9.85 0.48 8.00
C VAL B 485 -9.92 -0.70 7.03
N VAL B 486 -10.70 -1.70 7.40
CA VAL B 486 -10.79 -2.93 6.61
C VAL B 486 -12.09 -2.96 5.81
N GLU B 487 -11.99 -3.34 4.54
CA GLU B 487 -13.12 -3.25 3.64
C GLU B 487 -14.04 -4.45 3.73
N ILE B 488 -15.34 -4.19 3.69
CA ILE B 488 -16.34 -5.22 3.47
C ILE B 488 -16.83 -5.05 2.03
N ASN B 489 -16.22 -5.79 1.11
CA ASN B 489 -16.49 -5.61 -0.29
C ASN B 489 -17.90 -6.04 -0.65
N ALA B 490 -18.72 -5.08 -1.06
CA ALA B 490 -20.14 -5.32 -1.30
C ALA B 490 -20.44 -6.09 -2.61
N ASN B 491 -19.46 -6.22 -3.50
CA ASN B 491 -19.65 -7.03 -4.70
C ASN B 491 -20.09 -8.45 -4.33
N ALA B 492 -21.22 -8.89 -4.89
CA ALA B 492 -21.85 -10.16 -4.52
C ALA B 492 -20.95 -11.39 -4.68
N ALA B 493 -19.91 -11.28 -5.50
CA ALA B 493 -18.98 -12.39 -5.70
C ALA B 493 -17.84 -12.36 -4.67
N ARG B 494 -17.79 -11.32 -3.86
CA ARG B 494 -16.74 -11.20 -2.85
C ARG B 494 -17.29 -11.29 -1.43
N LEU B 495 -18.10 -10.32 -1.05
CA LEU B 495 -18.67 -10.27 0.30
C LEU B 495 -17.57 -10.61 1.31
N ASP B 496 -16.52 -9.81 1.28
CA ASP B 496 -15.27 -10.08 1.96
C ASP B 496 -14.64 -8.74 2.25
N LEU B 497 -14.28 -8.43 3.50
CA LEU B 497 -14.27 -9.33 4.66
C LEU B 497 -15.57 -10.08 4.98
N ASP B 498 -15.45 -11.37 5.29
CA ASP B 498 -16.60 -12.18 5.68
C ASP B 498 -17.28 -11.60 6.91
N TRP B 499 -18.60 -11.67 6.96
CA TRP B 499 -19.34 -11.09 8.08
C TRP B 499 -19.02 -11.80 9.39
N ARG B 500 -18.58 -13.06 9.30
CA ARG B 500 -18.22 -13.81 10.50
C ARG B 500 -16.99 -13.22 11.16
N GLU B 501 -16.03 -12.79 10.35
CA GLU B 501 -14.81 -12.18 10.89
C GLU B 501 -15.08 -10.75 11.38
N ALA B 502 -16.00 -10.07 10.69
CA ALA B 502 -16.40 -8.72 11.09
C ALA B 502 -17.13 -8.76 12.44
N LEU B 503 -17.91 -9.81 12.64
CA LEU B 503 -18.62 -9.99 13.91
C LEU B 503 -17.63 -10.11 15.06
N ARG B 504 -16.53 -10.83 14.83
CA ARG B 504 -15.53 -11.05 15.85
C ARG B 504 -14.70 -9.81 16.15
N TRP B 505 -14.57 -8.92 15.15
CA TRP B 505 -13.68 -7.77 15.26
C TRP B 505 -14.41 -6.44 15.34
N ARG B 506 -15.73 -6.47 15.47
CA ARG B 506 -16.54 -5.25 15.42
C ARG B 506 -16.16 -4.21 16.48
N GLU B 507 -15.50 -4.64 17.54
CA GLU B 507 -15.11 -3.76 18.63
C GLU B 507 -13.76 -3.11 18.36
N ARG B 508 -13.00 -3.67 17.43
CA ARG B 508 -11.60 -3.30 17.27
C ARG B 508 -11.24 -2.63 15.94
N LEU B 509 -12.15 -2.67 14.97
CA LEU B 509 -11.87 -2.10 13.66
C LEU B 509 -12.94 -1.12 13.21
N LYS B 510 -12.55 -0.19 12.34
CA LYS B 510 -13.51 0.58 11.58
C LYS B 510 -13.60 -0.10 10.23
N PHE B 511 -14.80 -0.14 9.66
CA PHE B 511 -15.00 -0.83 8.39
C PHE B 511 -15.41 0.12 7.29
N ALA B 512 -15.28 -0.35 6.05
CA ALA B 512 -15.76 0.40 4.90
C ALA B 512 -16.57 -0.53 4.00
N ILE B 513 -17.85 -0.20 3.81
CA ILE B 513 -18.70 -0.96 2.90
C ILE B 513 -18.55 -0.41 1.48
N ASN B 514 -17.72 -1.07 0.69
CA ASN B 514 -17.37 -0.59 -0.64
C ASN B 514 -17.90 -1.51 -1.75
N THR B 515 -18.46 -0.91 -2.79
CA THR B 515 -19.09 -1.68 -3.86
C THR B 515 -18.09 -2.27 -4.84
N ASP B 516 -16.94 -1.61 -5.00
CA ASP B 516 -15.96 -2.02 -5.99
C ASP B 516 -16.59 -2.02 -7.39
N ALA B 517 -17.48 -1.05 -7.62
CA ALA B 517 -18.22 -0.94 -8.87
C ALA B 517 -17.31 -0.75 -10.10
N HIS B 518 -17.49 -1.60 -11.09
CA HIS B 518 -16.79 -1.44 -12.36
C HIS B 518 -17.72 -0.87 -13.42
N VAL B 519 -18.93 -0.53 -12.99
CA VAL B 519 -20.01 -0.11 -13.87
C VAL B 519 -21.01 0.67 -12.99
N PRO B 520 -21.71 1.64 -13.56
CA PRO B 520 -22.61 2.47 -12.74
C PRO B 520 -23.63 1.65 -11.93
N GLY B 521 -24.19 0.62 -12.54
CA GLY B 521 -25.13 -0.24 -11.85
C GLY B 521 -24.48 -0.99 -10.70
N GLY B 522 -23.16 -1.07 -10.71
CA GLY B 522 -22.41 -1.74 -9.66
C GLY B 522 -22.57 -1.05 -8.32
N LEU B 523 -22.97 0.23 -8.35
CA LEU B 523 -23.15 1.01 -7.14
C LEU B 523 -24.35 0.53 -6.33
N ARG B 524 -25.25 -0.20 -6.99
CA ARG B 524 -26.41 -0.76 -6.33
C ARG B 524 -26.09 -2.06 -5.59
N ASP B 525 -24.82 -2.46 -5.63
CA ASP B 525 -24.38 -3.65 -4.90
C ASP B 525 -24.24 -3.34 -3.41
N ALA B 526 -24.17 -2.06 -3.08
CA ALA B 526 -24.03 -1.64 -1.69
C ALA B 526 -24.98 -2.40 -0.79
N ARG B 527 -26.17 -2.66 -1.31
CA ARG B 527 -27.22 -3.39 -0.61
C ARG B 527 -26.79 -4.77 -0.13
N TYR B 528 -25.88 -5.41 -0.86
CA TYR B 528 -25.40 -6.74 -0.48
C TYR B 528 -24.34 -6.64 0.63
N GLY B 529 -23.49 -5.63 0.54
CA GLY B 529 -22.51 -5.38 1.58
C GLY B 529 -23.19 -5.01 2.89
N VAL B 530 -24.25 -4.22 2.80
CA VAL B 530 -24.99 -3.81 3.98
C VAL B 530 -25.63 -5.00 4.69
N MET B 531 -26.13 -5.96 3.92
CA MET B 531 -26.73 -7.16 4.50
C MET B 531 -25.69 -7.93 5.32
N GLN B 532 -24.46 -7.96 4.83
CA GLN B 532 -23.35 -8.61 5.54
C GLN B 532 -22.97 -7.82 6.79
N ALA B 533 -22.91 -6.49 6.66
CA ALA B 533 -22.55 -5.62 7.77
C ALA B 533 -23.56 -5.71 8.93
N ARG B 534 -24.83 -5.84 8.59
CA ARG B 534 -25.89 -5.89 9.61
C ARG B 534 -25.86 -7.19 10.42
N LYS B 535 -25.47 -8.30 9.78
CA LYS B 535 -25.32 -9.55 10.51
C LYS B 535 -24.14 -9.46 11.48
N ALA B 536 -23.15 -8.63 11.14
CA ALA B 536 -22.01 -8.42 12.04
C ALA B 536 -22.35 -7.43 13.14
N GLY B 537 -23.49 -6.76 13.01
CA GLY B 537 -23.95 -5.85 14.05
C GLY B 537 -23.36 -4.46 13.93
N LEU B 538 -23.02 -4.05 12.71
CA LEU B 538 -22.38 -2.76 12.51
C LEU B 538 -23.39 -1.62 12.43
N THR B 539 -23.04 -0.49 13.03
CA THR B 539 -23.85 0.73 12.96
C THR B 539 -23.14 1.73 12.05
N PRO B 540 -23.84 2.83 11.69
CA PRO B 540 -23.17 3.83 10.87
C PRO B 540 -21.85 4.30 11.48
N ALA B 541 -21.72 4.19 12.80
CA ALA B 541 -20.52 4.65 13.49
C ALA B 541 -19.34 3.72 13.31
N HIS B 542 -19.60 2.47 12.90
CA HIS B 542 -18.54 1.51 12.62
C HIS B 542 -18.02 1.65 11.20
N VAL B 543 -18.75 2.38 10.37
CA VAL B 543 -18.48 2.45 8.93
C VAL B 543 -18.10 3.86 8.44
N VAL B 544 -16.87 4.02 7.97
CA VAL B 544 -16.39 5.32 7.51
C VAL B 544 -17.23 5.93 6.39
N ASN B 545 -17.87 5.08 5.59
CA ASN B 545 -18.71 5.57 4.48
C ASN B 545 -19.83 6.49 4.95
N SER B 546 -20.14 6.45 6.25
CA SER B 546 -21.24 7.23 6.80
C SER B 546 -20.84 8.69 7.00
N LEU B 547 -19.56 8.97 6.83
CA LEU B 547 -19.03 10.32 6.95
C LEU B 547 -19.25 11.10 5.66
N GLY B 548 -19.54 12.39 5.79
CA GLY B 548 -19.66 13.26 4.63
C GLY B 548 -18.29 13.45 4.02
N ARG B 549 -18.24 14.09 2.85
CA ARG B 549 -16.98 14.27 2.14
C ARG B 549 -15.90 14.92 3.00
N ALA B 550 -16.19 16.11 3.53
CA ALA B 550 -15.21 16.85 4.32
C ALA B 550 -14.84 16.12 5.61
N GLU B 551 -15.82 15.45 6.22
CA GLU B 551 -15.56 14.61 7.40
C GLU B 551 -14.63 13.45 7.04
N PHE B 552 -14.75 12.96 5.81
CA PHE B 552 -13.93 11.84 5.36
C PHE B 552 -12.48 12.27 5.15
N LEU B 553 -12.30 13.44 4.54
CA LEU B 553 -10.95 13.91 4.23
C LEU B 553 -10.10 14.17 5.46
N ASP B 554 -10.72 14.54 6.58
CA ASP B 554 -9.94 14.77 7.79
C ASP B 554 -9.92 13.55 8.71
N PHE B 555 -10.76 12.57 8.43
CA PHE B 555 -10.63 11.27 9.08
C PHE B 555 -9.30 10.64 8.69
N VAL B 556 -8.99 10.68 7.39
CA VAL B 556 -7.74 10.14 6.90
C VAL B 556 -6.54 11.03 7.24
N ALA B 557 -6.81 12.30 7.52
CA ALA B 557 -5.75 13.21 7.97
C ALA B 557 -5.40 12.89 9.41
N ARG B 558 -6.44 12.60 10.20
CA ARG B 558 -6.27 12.22 11.59
C ARG B 558 -5.65 10.82 11.66
N GLN B 559 -6.14 9.93 10.81
CA GLN B 559 -5.62 8.56 10.71
C GLN B 559 -4.12 8.55 10.41
N ARG B 560 -3.68 9.44 9.53
CA ARG B 560 -2.27 9.51 9.15
C ARG B 560 -1.44 10.24 10.21
N ALA B 561 -2.08 11.15 10.92
CA ALA B 561 -1.42 11.90 11.99
C ALA B 561 -1.17 11.02 13.21
N ALA B 562 -2.03 10.02 13.40
CA ALA B 562 -1.95 9.15 14.57
C ALA B 562 -0.78 8.17 14.50
N ARG B 563 -0.09 8.11 13.38
CA ARG B 563 1.06 7.21 13.25
C ARG B 563 2.40 7.92 13.03
N GLY B 564 3.46 7.15 12.92
CA GLY B 564 4.80 7.70 12.77
C GLY B 564 5.33 8.32 14.05
ZN ZN C . 20.44 21.26 9.54
ZN ZN D . 20.86 20.47 4.86
ZN ZN E . 17.89 20.51 4.62
HG HG F . 23.16 -24.67 7.48
ZN ZN G . 30.46 37.65 -11.74
ZN ZN H . -10.95 -4.14 -11.56
ZN ZN I . -11.22 -2.78 -7.06
ZN ZN J . -9.55 -5.31 -6.18
HG HG K . -50.81 -22.74 1.68
#